data_4M4V
#
_entry.id   4M4V
#
_cell.length_a   75.880
_cell.length_b   57.970
_cell.length_c   94.640
_cell.angle_alpha   90.000
_cell.angle_beta   99.890
_cell.angle_gamma   90.000
#
_symmetry.space_group_name_H-M   'P 1 21 1'
#
loop_
_entity.id
_entity.type
_entity.pdbx_description
1 polymer 'Extracellular sialidase/neuraminidase, putative'
2 non-polymer '2-DEOXY-2,3-DEHYDRO-N-ACETYL-NEURAMINIC ACID'
3 non-polymer GLYCEROL
4 non-polymer 'NITRATE ION'
5 non-polymer 'SODIUM ION'
6 water water
#
_entity_poly.entity_id   1
_entity_poly.type   'polypeptide(L)'
_entity_poly.pdbx_seq_one_letter_code
;HHHHHHSSGLVPRGSHMQSMRFMILALLVQFLPAWAINDPAKSAAPYHDEFPLFRSANMASPDKLSTGIGFHSFRIPAVV
RTTTGRILAFAEGRRHTNQDFGDINLVYKRTKTTANNGASPSDWEPLREVVGSGAGTWGNPTPVVDDDNTIYLFLSWNGA
TYSQNGKDVLPDGTVTKKIDSTWEGRLHLYLTESRDDGNTWSKPVDLTKELTPDGWAWDAVGPGNGIRLTTGELVIPAMG
RNIIGRGAPGNRTWSVQRLSGAGAEGTIVQTPDGKLYRNDRPSQKGYRMVARGTLEGFGAFAPDAGLPDPACQGSVLRYN
SDAPARTIFLNSASGTSRRAMRVRISYDADAKKFNYGRKLEDAKVSGAGHEGGYSSMTKTGDYKIGALVESDFFNDGTGK
NSYRAIIWRRFNLSWILNGPNN
;
_entity_poly.pdbx_strand_id   A,B
#
# COMPACT_ATOMS: atom_id res chain seq x y z
N ASN A 38 9.87 -11.27 2.64
CA ASN A 38 9.38 -10.39 1.54
C ASN A 38 8.09 -9.60 1.88
N ASP A 39 7.56 -9.77 3.08
CA ASP A 39 6.38 -9.02 3.51
C ASP A 39 6.67 -8.34 4.83
N PRO A 40 6.71 -6.99 4.83
CA PRO A 40 7.10 -6.25 6.03
C PRO A 40 6.11 -6.47 7.16
N ALA A 41 4.89 -6.88 6.83
CA ALA A 41 3.86 -7.07 7.87
C ALA A 41 4.23 -8.19 8.84
N LYS A 42 5.04 -9.14 8.40
CA LYS A 42 5.44 -10.23 9.28
C LYS A 42 6.24 -9.73 10.51
N SER A 43 6.89 -8.58 10.37
CA SER A 43 7.69 -8.00 11.47
CA SER A 43 7.69 -7.97 11.46
C SER A 43 6.87 -7.21 12.49
N ALA A 44 5.63 -6.84 12.15
CA ALA A 44 4.73 -6.19 13.09
C ALA A 44 4.33 -7.20 14.17
N ALA A 45 3.88 -6.72 15.33
CA ALA A 45 3.44 -7.64 16.38
C ALA A 45 2.16 -8.34 15.92
N PRO A 46 2.13 -9.68 16.05
CA PRO A 46 0.89 -10.41 15.71
C PRO A 46 -0.28 -9.98 16.58
N TYR A 47 -1.47 -9.87 16.00
CA TYR A 47 -2.65 -9.50 16.77
C TYR A 47 -3.80 -10.41 16.39
N HIS A 48 -4.50 -10.91 17.41
CA HIS A 48 -5.78 -11.59 17.16
C HIS A 48 -6.64 -11.44 18.38
N ASP A 49 -7.96 -11.36 18.15
CA ASP A 49 -8.94 -11.46 19.22
C ASP A 49 -10.24 -11.90 18.56
N GLU A 50 -11.09 -12.54 19.35
CA GLU A 50 -12.25 -13.22 18.78
C GLU A 50 -13.29 -13.46 19.85
N PHE A 51 -14.56 -13.34 19.48
CA PHE A 51 -15.67 -13.56 20.39
C PHE A 51 -16.94 -13.78 19.59
N PRO A 52 -17.95 -14.43 20.20
CA PRO A 52 -19.23 -14.60 19.51
C PRO A 52 -19.87 -13.25 19.31
N LEU A 53 -20.41 -13.02 18.10
CA LEU A 53 -21.12 -11.76 17.82
C LEU A 53 -22.61 -11.99 17.66
N PHE A 54 -22.99 -13.14 17.11
CA PHE A 54 -24.40 -13.52 17.04
C PHE A 54 -24.59 -14.77 17.86
N ARG A 55 -25.24 -14.58 19.01
CA ARG A 55 -25.34 -15.62 20.02
C ARG A 55 -26.68 -16.32 19.92
N SER A 56 -26.62 -17.62 19.63
CA SER A 56 -27.79 -18.48 19.44
C SER A 56 -28.59 -18.68 20.73
N ALA A 57 -29.79 -19.22 20.60
CA ALA A 57 -30.80 -19.25 21.66
C ALA A 57 -30.37 -20.05 22.88
N ASN A 58 -29.44 -20.97 22.68
CA ASN A 58 -28.91 -21.83 23.75
C ASN A 58 -27.83 -21.17 24.61
N MET A 59 -27.29 -20.05 24.15
CA MET A 59 -26.18 -19.40 24.85
C MET A 59 -26.67 -18.43 25.92
N ALA A 60 -25.81 -18.16 26.90
CA ALA A 60 -26.07 -17.06 27.82
C ALA A 60 -26.18 -15.77 27.02
N SER A 61 -27.09 -14.89 27.43
CA SER A 61 -27.37 -13.63 26.71
C SER A 61 -27.55 -13.86 25.21
N PRO A 62 -28.56 -14.69 24.84
CA PRO A 62 -28.81 -14.89 23.42
C PRO A 62 -29.24 -13.58 22.77
N ASP A 63 -28.91 -13.42 21.50
CA ASP A 63 -29.29 -12.23 20.77
C ASP A 63 -30.75 -12.27 20.37
N LYS A 64 -31.48 -11.25 20.81
CA LYS A 64 -32.89 -11.06 20.49
C LYS A 64 -33.10 -9.62 20.02
N LEU A 65 -34.13 -9.41 19.21
CA LEU A 65 -34.52 -8.07 18.81
C LEU A 65 -35.15 -7.30 19.98
N SER A 66 -35.21 -5.97 19.86
CA SER A 66 -35.79 -5.12 20.90
C SER A 66 -37.27 -5.46 21.15
N THR A 67 -37.89 -6.08 20.16
CA THR A 67 -39.28 -6.53 20.22
C THR A 67 -39.46 -7.81 21.03
N GLY A 68 -38.35 -8.42 21.42
CA GLY A 68 -38.41 -9.70 22.12
C GLY A 68 -38.29 -10.93 21.21
N ILE A 69 -38.33 -10.72 19.89
CA ILE A 69 -38.23 -11.83 18.95
C ILE A 69 -36.81 -12.40 18.99
N GLY A 70 -36.72 -13.71 19.26
CA GLY A 70 -35.42 -14.40 19.36
C GLY A 70 -35.19 -15.37 18.21
N PHE A 71 -34.01 -16.00 18.19
CA PHE A 71 -33.61 -16.86 17.07
C PHE A 71 -32.89 -18.10 17.54
N HIS A 72 -33.38 -19.27 17.13
CA HIS A 72 -32.67 -20.54 17.36
C HIS A 72 -31.21 -20.43 16.92
N SER A 73 -31.02 -19.98 15.68
CA SER A 73 -29.69 -19.99 15.07
C SER A 73 -29.44 -18.70 14.28
N PHE A 74 -28.17 -18.34 14.14
CA PHE A 74 -27.75 -17.33 13.17
C PHE A 74 -26.80 -17.97 12.17
N ARG A 75 -27.09 -17.76 10.89
CA ARG A 75 -26.27 -18.32 9.81
C ARG A 75 -26.07 -17.27 8.71
N ILE A 76 -25.15 -17.56 7.79
CA ILE A 76 -24.98 -16.80 6.54
C ILE A 76 -24.53 -15.33 6.78
N PRO A 77 -23.32 -15.16 7.34
CA PRO A 77 -22.80 -13.84 7.67
C PRO A 77 -22.39 -12.99 6.45
N ALA A 78 -22.38 -11.68 6.67
CA ALA A 78 -21.86 -10.72 5.71
C ALA A 78 -21.39 -9.52 6.50
N VAL A 79 -20.23 -8.97 6.13
CA VAL A 79 -19.70 -7.80 6.82
C VAL A 79 -19.11 -6.80 5.85
N VAL A 80 -19.38 -5.52 6.10
CA VAL A 80 -18.73 -4.44 5.37
C VAL A 80 -18.33 -3.32 6.33
N ARG A 81 -17.24 -2.63 5.99
CA ARG A 81 -16.89 -1.37 6.65
C ARG A 81 -17.39 -0.22 5.77
N THR A 82 -18.09 0.73 6.36
CA THR A 82 -18.65 1.83 5.60
C THR A 82 -17.60 2.93 5.38
N THR A 83 -17.93 3.98 4.63
CA THR A 83 -16.95 5.05 4.41
C THR A 83 -16.63 5.84 5.70
N THR A 84 -17.48 5.72 6.72
CA THR A 84 -17.23 6.40 8.01
C THR A 84 -16.26 5.61 8.89
N GLY A 85 -16.13 4.33 8.63
CA GLY A 85 -15.35 3.43 9.48
C GLY A 85 -16.22 2.52 10.32
N ARG A 86 -17.53 2.79 10.34
CA ARG A 86 -18.46 1.91 11.05
C ARG A 86 -18.45 0.53 10.40
N ILE A 87 -18.61 -0.51 11.22
CA ILE A 87 -18.69 -1.87 10.68
C ILE A 87 -20.13 -2.39 10.82
N LEU A 88 -20.64 -2.97 9.73
CA LEU A 88 -22.01 -3.50 9.69
C LEU A 88 -21.88 -5.01 9.47
N ALA A 89 -22.43 -5.78 10.42
CA ALA A 89 -22.45 -7.24 10.34
C ALA A 89 -23.88 -7.74 10.14
N PHE A 90 -24.12 -8.55 9.10
CA PHE A 90 -25.46 -9.05 8.79
C PHE A 90 -25.51 -10.57 8.96
N ALA A 91 -26.70 -11.10 9.19
CA ALA A 91 -26.85 -12.54 9.25
C ALA A 91 -28.31 -12.89 9.02
N GLU A 92 -28.56 -14.16 8.71
CA GLU A 92 -29.90 -14.69 8.75
C GLU A 92 -30.25 -15.07 10.17
N GLY A 93 -31.35 -14.51 10.66
CA GLY A 93 -31.91 -14.92 11.94
C GLY A 93 -32.90 -16.03 11.68
N ARG A 94 -32.49 -17.26 11.99
CA ARG A 94 -33.30 -18.43 11.72
C ARG A 94 -34.12 -18.73 12.97
N ARG A 95 -35.41 -18.41 12.88
CA ARG A 95 -36.25 -18.29 14.07
C ARG A 95 -36.33 -19.56 14.92
N HIS A 96 -36.65 -20.69 14.30
CA HIS A 96 -37.10 -21.87 15.05
C HIS A 96 -36.16 -23.06 15.02
N THR A 97 -35.37 -23.16 13.94
CA THR A 97 -34.43 -24.26 13.76
C THR A 97 -33.24 -23.69 12.99
N ASN A 98 -32.28 -24.54 12.67
CA ASN A 98 -31.14 -24.10 11.87
C ASN A 98 -31.37 -24.25 10.36
N GLN A 99 -32.58 -24.67 9.98
CA GLN A 99 -32.85 -25.04 8.58
C GLN A 99 -32.92 -23.86 7.61
N ASP A 100 -32.74 -24.14 6.33
CA ASP A 100 -32.68 -23.11 5.29
C ASP A 100 -34.04 -22.49 4.96
N PHE A 101 -35.10 -23.12 5.43
CA PHE A 101 -36.47 -22.75 5.04
C PHE A 101 -37.28 -22.40 6.28
N GLY A 102 -38.47 -21.86 6.09
CA GLY A 102 -39.30 -21.41 7.21
C GLY A 102 -39.05 -19.96 7.53
N ASP A 103 -39.40 -19.57 8.75
CA ASP A 103 -39.34 -18.18 9.18
C ASP A 103 -37.89 -17.77 9.41
N ILE A 104 -37.38 -16.97 8.50
CA ILE A 104 -36.01 -16.47 8.59
C ILE A 104 -36.02 -14.98 8.32
N ASN A 105 -35.40 -14.21 9.20
CA ASN A 105 -35.32 -12.75 9.05
C ASN A 105 -33.90 -12.31 8.76
N LEU A 106 -33.75 -11.11 8.20
CA LEU A 106 -32.40 -10.58 7.98
C LEU A 106 -32.06 -9.61 9.09
N VAL A 107 -31.08 -9.99 9.90
CA VAL A 107 -30.72 -9.22 11.09
C VAL A 107 -29.32 -8.62 10.93
N TYR A 108 -28.99 -7.67 11.79
CA TYR A 108 -27.68 -7.05 11.76
C TYR A 108 -27.27 -6.45 13.09
N LYS A 109 -25.96 -6.17 13.20
CA LYS A 109 -25.41 -5.34 14.28
C LYS A 109 -24.43 -4.34 13.69
N ARG A 110 -24.34 -3.16 14.30
CA ARG A 110 -23.36 -2.16 13.91
C ARG A 110 -22.41 -1.93 15.04
N THR A 111 -21.18 -1.48 14.74
CA THR A 111 -20.33 -0.98 15.81
C THR A 111 -20.98 0.31 16.34
N LYS A 112 -20.89 0.51 17.66
CA LYS A 112 -21.55 1.68 18.29
C LYS A 112 -21.02 3.00 17.74
N THR A 113 -19.75 3.05 17.41
CA THR A 113 -19.13 4.23 16.84
C THR A 113 -18.48 3.90 15.51
N THR A 114 -18.03 4.93 14.80
CA THR A 114 -17.32 4.76 13.54
C THR A 114 -15.82 4.44 13.75
N ALA A 115 -15.36 4.54 14.98
CA ALA A 115 -13.93 4.46 15.27
C ALA A 115 -13.50 3.29 16.15
N ASN A 116 -14.45 2.54 16.70
CA ASN A 116 -14.07 1.50 17.67
C ASN A 116 -13.61 0.17 17.03
N ASN A 117 -13.86 0.01 15.74
CA ASN A 117 -13.37 -1.13 14.95
C ASN A 117 -13.84 -2.49 15.47
N GLY A 118 -14.91 -2.48 16.25
CA GLY A 118 -15.49 -3.71 16.81
C GLY A 118 -14.53 -4.56 17.63
N ALA A 119 -13.62 -3.92 18.35
CA ALA A 119 -12.51 -4.61 19.03
C ALA A 119 -12.92 -5.49 20.23
N SER A 120 -14.04 -5.17 20.86
CA SER A 120 -14.54 -5.95 21.99
C SER A 120 -16.07 -6.04 21.95
N PRO A 121 -16.68 -6.99 22.71
CA PRO A 121 -18.13 -7.12 22.68
C PRO A 121 -18.88 -5.84 22.97
N SER A 122 -18.37 -5.03 23.90
CA SER A 122 -19.05 -3.79 24.26
C SER A 122 -18.99 -2.71 23.16
N ASP A 123 -18.20 -2.95 22.11
CA ASP A 123 -18.15 -2.04 20.97
C ASP A 123 -19.32 -2.20 19.98
N TRP A 124 -20.12 -3.26 20.17
CA TRP A 124 -21.19 -3.59 19.22
C TRP A 124 -22.58 -3.28 19.79
N GLU A 125 -23.42 -2.69 18.95
CA GLU A 125 -24.81 -2.42 19.30
C GLU A 125 -25.59 -3.73 19.48
N PRO A 126 -26.75 -3.67 20.16
CA PRO A 126 -27.63 -4.85 20.21
C PRO A 126 -28.18 -5.21 18.83
N LEU A 127 -28.69 -6.43 18.71
CA LEU A 127 -29.24 -6.92 17.44
C LEU A 127 -30.38 -6.04 16.93
N ARG A 128 -30.33 -5.73 15.64
CA ARG A 128 -31.41 -5.04 14.93
C ARG A 128 -31.88 -5.89 13.76
N GLU A 129 -32.91 -5.40 13.07
CA GLU A 129 -33.49 -6.12 11.95
C GLU A 129 -33.52 -5.23 10.70
N VAL A 130 -33.00 -5.76 9.60
CA VAL A 130 -33.11 -5.09 8.32
C VAL A 130 -34.55 -5.31 7.81
N VAL A 131 -34.94 -6.58 7.70
CA VAL A 131 -36.28 -6.95 7.26
C VAL A 131 -36.71 -8.27 7.88
N GLY A 132 -37.97 -8.32 8.32
CA GLY A 132 -38.51 -9.50 8.96
C GLY A 132 -39.91 -9.87 8.50
N SER A 133 -40.40 -11.02 8.91
N SER A 133 -40.48 -10.79 9.27
CA SER A 133 -41.80 -11.42 8.67
CA SER A 133 -41.06 -12.04 8.77
C SER A 133 -42.03 -12.92 8.72
C SER A 133 -42.55 -12.45 8.72
N GLY A 134 -42.86 -13.33 9.67
CA GLY A 134 -43.74 -14.50 9.53
C GLY A 134 -43.67 -15.27 8.21
N ALA A 135 -44.26 -14.67 7.18
CA ALA A 135 -44.60 -15.39 5.95
C ALA A 135 -43.42 -15.52 4.97
N GLY A 136 -42.25 -15.04 5.37
CA GLY A 136 -41.10 -14.98 4.46
C GLY A 136 -39.81 -15.61 4.93
N THR A 137 -38.98 -15.96 3.96
CA THR A 137 -37.64 -16.44 4.23
C THR A 137 -36.71 -15.41 3.59
N TRP A 138 -36.13 -14.52 4.42
CA TRP A 138 -35.24 -13.43 3.98
C TRP A 138 -33.77 -13.81 4.23
N GLY A 139 -32.96 -13.91 3.18
CA GLY A 139 -31.59 -14.41 3.36
C GLY A 139 -30.53 -13.93 2.38
N ASN A 140 -29.39 -14.61 2.41
CA ASN A 140 -28.27 -14.34 1.50
C ASN A 140 -27.80 -12.88 1.54
N PRO A 141 -27.55 -12.32 2.75
CA PRO A 141 -27.11 -10.92 2.72
C PRO A 141 -25.86 -10.71 1.86
N THR A 142 -25.93 -9.78 0.91
CA THR A 142 -24.80 -9.47 0.05
C THR A 142 -24.64 -7.94 -0.06
N PRO A 143 -23.96 -7.33 0.93
CA PRO A 143 -23.83 -5.87 0.92
C PRO A 143 -22.68 -5.34 0.07
N VAL A 144 -22.84 -4.10 -0.38
CA VAL A 144 -21.73 -3.34 -0.95
C VAL A 144 -21.90 -1.85 -0.59
N VAL A 145 -20.80 -1.20 -0.21
CA VAL A 145 -20.81 0.20 0.19
C VAL A 145 -20.45 1.07 -1.00
N ASP A 146 -21.32 2.02 -1.34
CA ASP A 146 -21.06 2.89 -2.50
C ASP A 146 -20.31 4.17 -2.08
N ASP A 147 -19.87 4.95 -3.08
CA ASP A 147 -18.99 6.10 -2.85
C ASP A 147 -19.61 7.14 -1.92
N ASP A 148 -20.93 7.27 -1.98
CA ASP A 148 -21.65 8.29 -1.20
C ASP A 148 -22.00 7.77 0.20
N ASN A 149 -21.47 6.59 0.54
CA ASN A 149 -21.83 5.83 1.74
C ASN A 149 -23.24 5.23 1.78
N THR A 150 -23.93 5.21 0.64
CA THR A 150 -25.11 4.37 0.54
C THR A 150 -24.66 2.92 0.67
N ILE A 151 -25.19 2.22 1.67
CA ILE A 151 -24.93 0.80 1.77
C ILE A 151 -26.06 0.05 1.08
N TYR A 152 -25.75 -0.57 -0.05
CA TYR A 152 -26.71 -1.45 -0.71
C TYR A 152 -26.63 -2.82 -0.09
N LEU A 153 -27.79 -3.45 0.11
CA LEU A 153 -27.84 -4.84 0.56
C LEU A 153 -28.77 -5.63 -0.36
N PHE A 154 -28.16 -6.48 -1.18
CA PHE A 154 -28.90 -7.44 -1.96
C PHE A 154 -29.23 -8.62 -1.08
N LEU A 155 -30.41 -9.19 -1.31
CA LEU A 155 -31.02 -10.22 -0.46
CA LEU A 155 -30.84 -10.34 -0.55
C LEU A 155 -31.86 -11.18 -1.32
N SER A 156 -32.04 -12.41 -0.85
CA SER A 156 -32.96 -13.34 -1.47
C SER A 156 -34.21 -13.41 -0.62
N TRP A 157 -35.35 -13.66 -1.26
CA TRP A 157 -36.59 -13.94 -0.59
C TRP A 157 -37.23 -15.18 -1.20
N ASN A 158 -37.80 -16.03 -0.34
CA ASN A 158 -38.79 -17.01 -0.80
C ASN A 158 -39.92 -17.15 0.22
N GLY A 159 -41.04 -17.73 -0.20
CA GLY A 159 -42.19 -17.91 0.67
C GLY A 159 -41.88 -18.90 1.77
N ALA A 160 -42.39 -18.65 2.98
CA ALA A 160 -42.07 -19.48 4.14
C ALA A 160 -42.68 -20.89 4.09
N THR A 161 -43.51 -21.16 3.08
CA THR A 161 -44.10 -22.48 2.86
C THR A 161 -43.44 -23.25 1.71
N TYR A 162 -42.36 -22.69 1.18
CA TYR A 162 -41.58 -23.32 0.12
C TYR A 162 -40.20 -23.67 0.65
N SER A 163 -39.60 -24.71 0.08
CA SER A 163 -38.21 -25.04 0.35
C SER A 163 -37.52 -25.60 -0.89
N GLN A 164 -36.19 -25.57 -0.89
CA GLN A 164 -35.38 -26.03 -2.03
C GLN A 164 -35.83 -27.40 -2.55
N ASN A 165 -35.96 -28.35 -1.64
CA ASN A 165 -36.29 -29.72 -2.01
C ASN A 165 -37.79 -29.99 -2.04
N GLY A 166 -38.54 -29.25 -1.22
CA GLY A 166 -39.94 -29.54 -0.98
C GLY A 166 -40.12 -30.71 -0.03
N LYS A 167 -41.32 -30.82 0.52
CA LYS A 167 -41.71 -31.90 1.44
C LYS A 167 -40.91 -31.91 2.74
N ASP A 168 -40.35 -30.76 3.10
CA ASP A 168 -39.70 -30.59 4.38
C ASP A 168 -40.76 -30.22 5.43
N VAL A 169 -40.58 -30.71 6.66
CA VAL A 169 -41.56 -30.46 7.70
C VAL A 169 -41.27 -29.16 8.46
N LEU A 170 -42.28 -28.30 8.51
CA LEU A 170 -42.21 -27.04 9.25
C LEU A 170 -42.57 -27.29 10.72
N PRO A 171 -42.23 -26.34 11.62
CA PRO A 171 -42.53 -26.52 13.05
C PRO A 171 -43.99 -26.89 13.38
N ASP A 172 -44.96 -26.37 12.64
CA ASP A 172 -46.37 -26.69 12.91
C ASP A 172 -46.83 -28.02 12.31
N GLY A 173 -45.93 -28.72 11.61
CA GLY A 173 -46.26 -30.01 11.00
C GLY A 173 -46.69 -29.93 9.54
N THR A 174 -46.87 -28.71 9.03
CA THR A 174 -47.05 -28.45 7.60
C THR A 174 -45.84 -28.98 6.84
N VAL A 175 -46.07 -29.38 5.60
CA VAL A 175 -45.01 -29.83 4.71
C VAL A 175 -44.81 -28.74 3.64
N THR A 176 -43.57 -28.41 3.32
CA THR A 176 -43.30 -27.36 2.33
C THR A 176 -43.56 -27.83 0.89
N LYS A 177 -43.87 -26.87 0.02
CA LYS A 177 -43.88 -27.08 -1.42
C LYS A 177 -42.47 -26.87 -1.93
N LYS A 178 -42.16 -27.46 -3.08
CA LYS A 178 -40.83 -27.28 -3.68
C LYS A 178 -40.74 -25.96 -4.44
N ILE A 179 -39.63 -25.23 -4.22
CA ILE A 179 -39.36 -24.01 -4.97
C ILE A 179 -39.52 -24.28 -6.48
N ASP A 180 -40.27 -23.42 -7.14
CA ASP A 180 -40.59 -23.60 -8.56
C ASP A 180 -40.48 -22.26 -9.30
N SER A 181 -40.87 -22.24 -10.56
CA SER A 181 -40.68 -21.04 -11.38
C SER A 181 -41.86 -20.06 -11.32
N THR A 182 -42.88 -20.36 -10.51
CA THR A 182 -44.01 -19.42 -10.34
C THR A 182 -43.58 -18.20 -9.54
N TRP A 183 -44.32 -17.10 -9.70
CA TRP A 183 -44.02 -15.88 -8.95
C TRP A 183 -44.05 -16.16 -7.45
N GLU A 184 -45.06 -16.88 -6.98
CA GLU A 184 -45.21 -17.23 -5.57
C GLU A 184 -44.13 -18.17 -5.08
N GLY A 185 -43.63 -19.04 -5.96
CA GLY A 185 -42.82 -20.18 -5.55
C GLY A 185 -41.33 -20.12 -5.86
N ARG A 186 -40.91 -19.07 -6.54
CA ARG A 186 -39.52 -18.90 -6.92
C ARG A 186 -38.74 -18.07 -5.89
N LEU A 187 -37.42 -18.12 -6.01
CA LEU A 187 -36.55 -17.23 -5.26
C LEU A 187 -36.53 -15.87 -5.90
N HIS A 188 -36.78 -14.84 -5.09
CA HIS A 188 -36.77 -13.45 -5.53
C HIS A 188 -35.45 -12.79 -5.17
N LEU A 189 -35.11 -11.71 -5.88
CA LEU A 189 -33.94 -10.93 -5.56
C LEU A 189 -34.39 -9.54 -5.17
N TYR A 190 -34.06 -9.16 -3.95
CA TYR A 190 -34.50 -7.88 -3.38
C TYR A 190 -33.30 -6.96 -3.13
N LEU A 191 -33.58 -5.66 -3.05
CA LEU A 191 -32.56 -4.68 -2.72
C LEU A 191 -33.10 -3.70 -1.69
N THR A 192 -32.38 -3.56 -0.59
CA THR A 192 -32.62 -2.48 0.35
C THR A 192 -31.34 -1.65 0.46
N GLU A 193 -31.46 -0.43 0.96
CA GLU A 193 -30.28 0.38 1.22
C GLU A 193 -30.43 1.25 2.45
N SER A 194 -29.28 1.71 2.95
CA SER A 194 -29.24 2.63 4.06
C SER A 194 -28.51 3.90 3.63
N ARG A 195 -29.06 5.07 4.01
CA ARG A 195 -28.44 6.37 3.75
C ARG A 195 -27.88 7.00 5.03
N ASP A 196 -28.00 6.29 6.15
CA ASP A 196 -27.57 6.82 7.45
C ASP A 196 -26.62 5.87 8.18
N ASP A 197 -25.71 5.26 7.41
CA ASP A 197 -24.60 4.49 7.95
C ASP A 197 -25.12 3.23 8.63
N GLY A 198 -26.17 2.66 8.05
CA GLY A 198 -26.75 1.43 8.57
C GLY A 198 -27.78 1.60 9.68
N ASN A 199 -28.05 2.85 10.10
CA ASN A 199 -29.02 3.06 11.18
C ASN A 199 -30.43 2.59 10.84
N THR A 200 -30.89 2.91 9.63
CA THR A 200 -32.18 2.46 9.14
C THR A 200 -32.06 1.93 7.72
N TRP A 201 -33.05 1.16 7.31
CA TRP A 201 -33.07 0.50 6.01
C TRP A 201 -34.40 0.73 5.33
N SER A 202 -34.35 0.90 4.01
CA SER A 202 -35.58 1.03 3.23
C SER A 202 -36.34 -0.29 3.14
N LYS A 203 -37.64 -0.23 2.94
CA LYS A 203 -38.39 -1.45 2.67
C LYS A 203 -37.80 -2.07 1.39
N PRO A 204 -37.41 -3.36 1.44
CA PRO A 204 -36.73 -3.92 0.27
C PRO A 204 -37.60 -3.90 -1.00
N VAL A 205 -36.95 -3.62 -2.12
CA VAL A 205 -37.61 -3.50 -3.42
C VAL A 205 -37.31 -4.77 -4.20
N ASP A 206 -38.32 -5.32 -4.85
CA ASP A 206 -38.19 -6.58 -5.58
C ASP A 206 -37.61 -6.30 -6.97
N LEU A 207 -36.39 -6.77 -7.22
CA LEU A 207 -35.73 -6.56 -8.50
C LEU A 207 -35.65 -7.83 -9.35
N THR A 208 -36.45 -8.83 -8.97
CA THR A 208 -36.43 -10.15 -9.62
C THR A 208 -36.62 -10.05 -11.14
N LYS A 209 -37.65 -9.32 -11.58
CA LYS A 209 -37.97 -9.28 -13.00
C LYS A 209 -36.87 -8.60 -13.82
N GLU A 210 -36.12 -7.71 -13.16
CA GLU A 210 -35.02 -6.96 -13.77
CA GLU A 210 -35.04 -7.00 -13.81
C GLU A 210 -33.70 -7.74 -13.77
N LEU A 211 -33.39 -8.39 -12.64
CA LEU A 211 -32.04 -8.92 -12.43
C LEU A 211 -31.91 -10.44 -12.24
N THR A 212 -33.04 -11.13 -12.36
CA THR A 212 -33.04 -12.60 -12.36
C THR A 212 -33.65 -13.07 -13.68
N PRO A 213 -32.95 -13.98 -14.39
CA PRO A 213 -33.48 -14.44 -15.67
C PRO A 213 -34.85 -15.09 -15.53
N ASP A 214 -35.71 -14.83 -16.53
CA ASP A 214 -37.05 -15.41 -16.54
C ASP A 214 -37.03 -16.93 -16.53
N GLY A 215 -38.01 -17.54 -15.87
CA GLY A 215 -38.11 -19.00 -15.81
C GLY A 215 -37.27 -19.66 -14.74
N TRP A 216 -36.46 -18.88 -14.03
CA TRP A 216 -35.68 -19.43 -12.93
C TRP A 216 -36.55 -19.76 -11.72
N ALA A 217 -36.15 -20.79 -10.98
CA ALA A 217 -36.81 -21.20 -9.75
C ALA A 217 -35.84 -20.87 -8.60
N TRP A 218 -34.91 -21.78 -8.33
CA TRP A 218 -33.84 -21.51 -7.37
C TRP A 218 -32.97 -20.34 -7.83
N ASP A 219 -32.42 -19.61 -6.87
CA ASP A 219 -31.47 -18.53 -7.13
C ASP A 219 -30.62 -18.35 -5.88
N ALA A 220 -29.54 -17.58 -6.02
CA ALA A 220 -28.79 -17.09 -4.87
C ALA A 220 -28.09 -15.78 -5.27
N VAL A 221 -27.92 -14.89 -4.30
CA VAL A 221 -27.02 -13.75 -4.46
C VAL A 221 -25.98 -13.94 -3.37
N GLY A 222 -24.72 -13.66 -3.70
CA GLY A 222 -23.61 -13.97 -2.80
C GLY A 222 -23.79 -15.38 -2.25
N PRO A 223 -23.85 -15.52 -0.91
CA PRO A 223 -23.87 -14.50 0.14
C PRO A 223 -22.46 -14.04 0.55
N GLY A 224 -22.37 -12.84 1.10
CA GLY A 224 -21.08 -12.33 1.59
C GLY A 224 -20.91 -10.86 1.33
N ASN A 225 -20.51 -10.51 0.10
CA ASN A 225 -20.32 -9.11 -0.28
C ASN A 225 -20.19 -8.89 -1.77
N GLY A 226 -20.49 -7.66 -2.17
CA GLY A 226 -20.15 -7.15 -3.49
C GLY A 226 -18.96 -6.23 -3.36
N ILE A 227 -18.49 -5.69 -4.49
CA ILE A 227 -17.30 -4.85 -4.52
C ILE A 227 -17.52 -3.59 -5.36
N ARG A 228 -16.64 -2.62 -5.13
CA ARG A 228 -16.56 -1.40 -5.93
C ARG A 228 -15.21 -1.42 -6.67
N LEU A 229 -15.24 -1.33 -8.00
CA LEU A 229 -14.01 -1.41 -8.79
C LEU A 229 -13.22 -0.12 -8.76
N THR A 230 -11.91 -0.22 -9.01
CA THR A 230 -11.07 0.97 -9.17
C THR A 230 -11.65 1.90 -10.22
N THR A 231 -12.31 1.31 -11.23
CA THR A 231 -12.91 2.08 -12.32
C THR A 231 -14.29 2.66 -11.98
N GLY A 232 -14.83 2.33 -10.80
CA GLY A 232 -16.03 3.00 -10.30
C GLY A 232 -17.34 2.24 -10.26
N GLU A 233 -17.40 1.10 -10.96
CA GLU A 233 -18.61 0.26 -11.02
C GLU A 233 -18.76 -0.60 -9.77
N LEU A 234 -19.97 -1.08 -9.52
CA LEU A 234 -20.22 -2.09 -8.48
C LEU A 234 -20.38 -3.44 -9.14
N VAL A 235 -19.88 -4.48 -8.47
CA VAL A 235 -20.10 -5.84 -8.96
C VAL A 235 -20.58 -6.69 -7.79
N ILE A 236 -21.73 -7.32 -7.99
CA ILE A 236 -22.31 -8.19 -6.97
C ILE A 236 -22.40 -9.61 -7.54
N PRO A 237 -21.75 -10.56 -6.86
CA PRO A 237 -21.78 -11.94 -7.37
C PRO A 237 -23.14 -12.59 -7.09
N ALA A 238 -23.63 -13.35 -8.05
CA ALA A 238 -24.87 -14.09 -7.88
C ALA A 238 -24.76 -15.43 -8.60
N MET A 239 -25.78 -16.26 -8.45
CA MET A 239 -25.83 -17.55 -9.12
C MET A 239 -25.81 -17.34 -10.63
N GLY A 240 -24.79 -17.89 -11.29
CA GLY A 240 -24.71 -17.87 -12.76
C GLY A 240 -24.53 -16.51 -13.43
N ARG A 241 -24.19 -15.49 -12.64
CA ARG A 241 -24.16 -14.12 -13.14
C ARG A 241 -23.54 -13.17 -12.15
N ASN A 242 -23.09 -12.03 -12.66
CA ASN A 242 -22.78 -10.90 -11.82
C ASN A 242 -23.82 -9.86 -12.05
N ILE A 243 -24.13 -9.12 -10.99
CA ILE A 243 -24.94 -7.92 -11.10
C ILE A 243 -23.98 -6.74 -11.13
N ILE A 244 -24.11 -5.91 -12.15
CA ILE A 244 -23.26 -4.75 -12.35
C ILE A 244 -24.01 -3.45 -12.04
N GLY A 245 -23.40 -2.63 -11.19
CA GLY A 245 -23.93 -1.29 -10.91
C GLY A 245 -23.10 -0.24 -11.63
N ARG A 246 -23.79 0.62 -12.39
CA ARG A 246 -23.15 1.72 -13.08
C ARG A 246 -23.83 3.04 -12.78
N GLY A 247 -23.14 4.14 -13.06
CA GLY A 247 -23.73 5.45 -12.85
C GLY A 247 -23.48 6.03 -11.47
N ALA A 248 -24.40 6.89 -11.02
CA ALA A 248 -24.17 7.72 -9.84
C ALA A 248 -24.22 6.91 -8.54
N PRO A 249 -23.19 7.05 -7.69
CA PRO A 249 -23.15 6.32 -6.41
C PRO A 249 -24.44 6.45 -5.61
N GLY A 250 -24.98 5.32 -5.16
CA GLY A 250 -26.23 5.33 -4.39
C GLY A 250 -27.45 5.62 -5.24
N ASN A 251 -27.28 5.65 -6.56
CA ASN A 251 -28.36 5.87 -7.53
C ASN A 251 -28.06 5.07 -8.81
N ARG A 252 -27.64 3.82 -8.61
CA ARG A 252 -27.04 3.06 -9.69
C ARG A 252 -28.09 2.50 -10.65
N THR A 253 -27.66 2.31 -11.89
CA THR A 253 -28.38 1.52 -12.88
CA THR A 253 -28.41 1.50 -12.84
C THR A 253 -27.79 0.10 -12.84
N TRP A 254 -28.65 -0.91 -12.70
CA TRP A 254 -28.18 -2.30 -12.60
C TRP A 254 -28.31 -3.03 -13.93
N SER A 255 -27.42 -3.99 -14.15
CA SER A 255 -27.54 -4.87 -15.29
C SER A 255 -26.94 -6.23 -14.93
N VAL A 256 -27.20 -7.21 -15.79
CA VAL A 256 -26.80 -8.58 -15.53
C VAL A 256 -25.70 -8.98 -16.50
N GLN A 257 -24.61 -9.50 -15.94
CA GLN A 257 -23.57 -10.11 -16.75
C GLN A 257 -23.69 -11.62 -16.57
N ARG A 258 -24.16 -12.31 -17.61
CA ARG A 258 -24.32 -13.77 -17.54
C ARG A 258 -22.97 -14.47 -17.59
N LEU A 259 -22.80 -15.48 -16.75
CA LEU A 259 -21.55 -16.23 -16.76
C LEU A 259 -21.79 -17.67 -17.17
N SER A 260 -20.81 -18.26 -17.85
CA SER A 260 -20.89 -19.67 -18.24
C SER A 260 -20.13 -20.55 -17.27
N GLY A 261 -20.85 -21.49 -16.66
CA GLY A 261 -20.25 -22.47 -15.76
C GLY A 261 -19.91 -21.93 -14.38
N ALA A 262 -20.57 -20.83 -13.98
CA ALA A 262 -20.42 -20.31 -12.61
C ALA A 262 -21.17 -21.16 -11.60
N GLY A 263 -20.85 -20.99 -10.32
CA GLY A 263 -21.56 -21.69 -9.25
C GLY A 263 -22.81 -20.93 -8.82
N ALA A 264 -23.49 -21.46 -7.81
CA ALA A 264 -24.66 -20.80 -7.23
C ALA A 264 -24.21 -19.74 -6.23
N GLU A 265 -23.24 -20.10 -5.38
CA GLU A 265 -22.74 -19.18 -4.36
C GLU A 265 -21.36 -18.68 -4.69
N GLY A 266 -21.31 -17.47 -5.25
CA GLY A 266 -20.04 -16.94 -5.75
C GLY A 266 -19.46 -15.83 -4.90
N THR A 267 -18.16 -15.63 -5.07
CA THR A 267 -17.46 -14.45 -4.52
C THR A 267 -16.78 -13.74 -5.67
N ILE A 268 -16.54 -12.45 -5.50
CA ILE A 268 -15.94 -11.63 -6.54
C ILE A 268 -14.87 -10.78 -5.89
N VAL A 269 -13.76 -10.59 -6.60
CA VAL A 269 -12.77 -9.62 -6.15
C VAL A 269 -12.13 -9.03 -7.38
N GLN A 270 -11.62 -7.81 -7.23
CA GLN A 270 -10.74 -7.23 -8.24
C GLN A 270 -9.31 -7.51 -7.82
N THR A 271 -8.60 -8.25 -8.65
CA THR A 271 -7.21 -8.63 -8.36
C THR A 271 -6.27 -7.44 -8.61
N PRO A 272 -5.02 -7.51 -8.11
CA PRO A 272 -4.05 -6.41 -8.25
C PRO A 272 -3.89 -5.92 -9.70
N ASP A 273 -3.99 -6.83 -10.67
CA ASP A 273 -3.93 -6.45 -12.09
C ASP A 273 -5.17 -5.71 -12.60
N GLY A 274 -6.13 -5.48 -11.70
CA GLY A 274 -7.36 -4.76 -12.03
C GLY A 274 -8.43 -5.60 -12.69
N LYS A 275 -8.15 -6.88 -12.92
CA LYS A 275 -9.12 -7.78 -13.54
C LYS A 275 -10.07 -8.31 -12.49
N LEU A 276 -11.16 -8.91 -12.95
CA LEU A 276 -12.15 -9.51 -12.04
C LEU A 276 -11.85 -10.97 -11.82
N TYR A 277 -12.29 -11.47 -10.68
CA TYR A 277 -11.95 -12.82 -10.23
C TYR A 277 -13.16 -13.37 -9.50
N ARG A 278 -13.77 -14.40 -10.07
CA ARG A 278 -14.86 -15.15 -9.42
C ARG A 278 -14.29 -16.39 -8.75
N ASN A 279 -14.63 -16.57 -7.48
CA ASN A 279 -14.20 -17.74 -6.75
C ASN A 279 -15.42 -18.36 -6.08
N ASP A 280 -15.87 -19.48 -6.64
CA ASP A 280 -17.20 -19.99 -6.34
C ASP A 280 -17.19 -21.32 -5.62
N ARG A 281 -18.23 -21.54 -4.81
CA ARG A 281 -18.47 -22.83 -4.19
C ARG A 281 -18.72 -23.86 -5.29
N PRO A 282 -17.99 -24.98 -5.26
CA PRO A 282 -18.20 -26.04 -6.25
C PRO A 282 -19.53 -26.78 -6.05
N SER A 283 -20.07 -27.35 -7.13
CA SER A 283 -21.34 -28.06 -7.01
C SER A 283 -21.19 -29.38 -6.25
N GLN A 284 -19.99 -29.97 -6.33
CA GLN A 284 -19.63 -31.17 -5.56
C GLN A 284 -18.40 -30.86 -4.72
N LYS A 285 -18.24 -31.55 -3.60
CA LYS A 285 -17.07 -31.36 -2.74
C LYS A 285 -15.78 -31.50 -3.52
N GLY A 286 -14.78 -30.69 -3.19
CA GLY A 286 -13.49 -30.80 -3.85
C GLY A 286 -12.63 -29.56 -3.75
N TYR A 287 -12.86 -28.62 -4.68
CA TYR A 287 -12.04 -27.43 -4.85
C TYR A 287 -12.88 -26.22 -5.25
N ARG A 288 -12.42 -25.03 -4.85
CA ARG A 288 -13.03 -23.77 -5.29
C ARG A 288 -12.99 -23.68 -6.80
N MET A 289 -14.05 -23.11 -7.40
CA MET A 289 -14.08 -22.94 -8.86
C MET A 289 -13.80 -21.49 -9.19
N VAL A 290 -12.74 -21.26 -9.97
CA VAL A 290 -12.25 -19.92 -10.21
C VAL A 290 -12.33 -19.55 -11.69
N ALA A 291 -12.73 -18.31 -11.96
CA ALA A 291 -12.71 -17.76 -13.31
C ALA A 291 -12.25 -16.32 -13.25
N ARG A 292 -11.63 -15.86 -14.34
CA ARG A 292 -11.12 -14.49 -14.41
C ARG A 292 -11.70 -13.77 -15.63
N GLY A 293 -11.89 -12.47 -15.51
CA GLY A 293 -12.46 -11.71 -16.58
C GLY A 293 -12.49 -10.23 -16.34
N THR A 294 -13.35 -9.56 -17.08
CA THR A 294 -13.57 -8.12 -16.97
C THR A 294 -15.08 -7.91 -17.14
N LEU A 295 -15.51 -6.65 -17.13
CA LEU A 295 -16.91 -6.35 -17.36
C LEU A 295 -17.36 -6.68 -18.79
N GLU A 296 -16.39 -6.97 -19.66
CA GLU A 296 -16.69 -7.43 -21.03
C GLU A 296 -16.93 -8.95 -21.12
N GLY A 297 -16.54 -9.68 -20.08
CA GLY A 297 -16.74 -11.13 -20.08
C GLY A 297 -15.69 -11.89 -19.30
N PHE A 298 -16.02 -13.13 -18.97
CA PHE A 298 -15.12 -14.01 -18.23
C PHE A 298 -14.67 -15.19 -19.08
N GLY A 299 -13.50 -15.72 -18.77
CA GLY A 299 -13.06 -17.04 -19.27
C GLY A 299 -13.72 -18.16 -18.48
N ALA A 300 -13.28 -19.39 -18.75
CA ALA A 300 -13.90 -20.57 -18.17
C ALA A 300 -13.59 -20.69 -16.68
N PHE A 301 -14.52 -21.29 -15.95
CA PHE A 301 -14.30 -21.69 -14.56
C PHE A 301 -13.53 -22.99 -14.53
N ALA A 302 -12.58 -23.08 -13.60
CA ALA A 302 -11.75 -24.26 -13.42
C ALA A 302 -11.49 -24.47 -11.93
N PRO A 303 -11.35 -25.74 -11.49
CA PRO A 303 -11.01 -25.95 -10.08
C PRO A 303 -9.63 -25.38 -9.76
N ASP A 304 -9.50 -24.77 -8.58
CA ASP A 304 -8.19 -24.34 -8.10
C ASP A 304 -7.67 -25.40 -7.15
N ALA A 305 -6.68 -26.17 -7.61
CA ALA A 305 -6.19 -27.31 -6.83
C ALA A 305 -5.52 -26.87 -5.54
N GLY A 306 -5.16 -25.60 -5.45
CA GLY A 306 -4.58 -25.06 -4.23
C GLY A 306 -5.62 -24.74 -3.15
N LEU A 307 -6.90 -24.78 -3.53
CA LEU A 307 -7.98 -24.36 -2.64
C LEU A 307 -9.06 -25.43 -2.45
N PRO A 308 -8.77 -26.47 -1.64
CA PRO A 308 -9.79 -27.46 -1.35
C PRO A 308 -10.99 -26.81 -0.65
N ASP A 309 -12.16 -27.42 -0.84
CA ASP A 309 -13.42 -26.89 -0.33
C ASP A 309 -14.43 -28.05 -0.22
N PRO A 310 -15.22 -28.08 0.88
CA PRO A 310 -16.15 -29.19 1.10
C PRO A 310 -17.54 -28.95 0.52
N ALA A 311 -17.63 -28.12 -0.52
CA ALA A 311 -18.90 -27.58 -1.03
C ALA A 311 -19.54 -26.70 0.03
N CYS A 312 -18.92 -25.55 0.25
CA CYS A 312 -19.36 -24.57 1.23
C CYS A 312 -19.03 -23.18 0.69
N GLN A 313 -19.75 -22.16 1.16
CA GLN A 313 -19.43 -20.77 0.80
C GLN A 313 -18.04 -20.38 1.33
N GLY A 314 -17.39 -19.43 0.65
CA GLY A 314 -16.13 -18.84 1.09
C GLY A 314 -16.20 -17.33 1.01
N SER A 315 -15.09 -16.66 1.35
CA SER A 315 -15.03 -15.21 1.21
C SER A 315 -13.67 -14.77 0.70
N VAL A 316 -13.64 -13.61 0.06
CA VAL A 316 -12.43 -13.06 -0.53
C VAL A 316 -12.41 -11.55 -0.28
N LEU A 317 -11.20 -10.99 -0.12
CA LEU A 317 -11.06 -9.58 0.21
C LEU A 317 -9.86 -8.99 -0.49
N ARG A 318 -10.09 -7.88 -1.19
CA ARG A 318 -9.01 -7.06 -1.72
C ARG A 318 -8.36 -6.27 -0.58
N TYR A 319 -7.08 -6.51 -0.31
CA TYR A 319 -6.43 -5.86 0.82
C TYR A 319 -5.72 -4.53 0.52
N ASN A 320 -4.76 -4.54 -0.41
CA ASN A 320 -3.94 -3.37 -0.75
C ASN A 320 -3.33 -3.53 -2.14
N SER A 321 -2.91 -2.41 -2.73
CA SER A 321 -2.33 -2.42 -4.08
C SER A 321 -0.84 -2.12 -4.20
N ASP A 322 -0.24 -1.42 -3.24
CA ASP A 322 1.20 -1.21 -3.32
CA ASP A 322 1.20 -1.19 -3.26
C ASP A 322 1.97 -2.45 -2.88
N ALA A 323 3.20 -2.58 -3.35
CA ALA A 323 4.05 -3.73 -3.01
C ALA A 323 4.12 -3.94 -1.49
N PRO A 324 3.85 -5.18 -1.01
CA PRO A 324 3.33 -6.26 -1.84
C PRO A 324 1.81 -6.18 -1.85
N ALA A 325 1.22 -6.24 -3.04
CA ALA A 325 -0.24 -6.22 -3.18
C ALA A 325 -0.75 -7.54 -2.65
N ARG A 326 -1.89 -7.52 -1.96
CA ARG A 326 -2.43 -8.75 -1.36
C ARG A 326 -3.92 -8.94 -1.58
N THR A 327 -4.30 -10.19 -1.87
CA THR A 327 -5.68 -10.65 -1.82
C THR A 327 -5.78 -11.67 -0.70
N ILE A 328 -6.86 -11.58 0.07
CA ILE A 328 -7.09 -12.49 1.19
C ILE A 328 -8.22 -13.45 0.83
N PHE A 329 -8.05 -14.71 1.18
CA PHE A 329 -9.10 -15.72 0.96
C PHE A 329 -9.38 -16.49 2.23
N LEU A 330 -10.64 -16.85 2.42
CA LEU A 330 -11.05 -17.63 3.59
C LEU A 330 -12.12 -18.66 3.25
N ASN A 331 -11.87 -19.91 3.61
CA ASN A 331 -12.85 -21.00 3.48
C ASN A 331 -12.46 -22.12 4.42
N SER A 332 -13.18 -23.24 4.37
CA SER A 332 -12.70 -24.43 5.04
C SER A 332 -11.79 -25.20 4.09
N ALA A 333 -10.50 -25.27 4.43
CA ALA A 333 -9.49 -25.84 3.54
C ALA A 333 -9.48 -27.37 3.65
N SER A 334 -10.53 -27.99 3.14
CA SER A 334 -10.77 -29.42 3.28
C SER A 334 -11.76 -29.86 2.22
N GLY A 335 -11.62 -31.08 1.72
CA GLY A 335 -12.57 -31.61 0.75
C GLY A 335 -13.78 -32.26 1.41
N THR A 336 -13.74 -32.41 2.74
CA THR A 336 -14.78 -33.17 3.44
C THR A 336 -15.46 -32.40 4.56
N SER A 337 -14.72 -31.54 5.27
CA SER A 337 -15.20 -30.90 6.49
C SER A 337 -15.28 -29.37 6.39
N ARG A 338 -16.25 -28.81 7.08
CA ARG A 338 -16.37 -27.34 7.19
C ARG A 338 -15.57 -26.78 8.36
N ARG A 339 -14.88 -27.66 9.10
CA ARG A 339 -14.18 -27.24 10.32
C ARG A 339 -12.67 -27.15 10.10
N ALA A 340 -12.27 -26.71 8.91
CA ALA A 340 -10.86 -26.54 8.61
C ALA A 340 -10.59 -25.11 8.15
N MET A 341 -11.20 -24.14 8.84
CA MET A 341 -11.15 -22.74 8.40
C MET A 341 -9.71 -22.27 8.30
N ARG A 342 -9.39 -21.65 7.16
CA ARG A 342 -8.02 -21.25 6.84
C ARG A 342 -8.06 -19.88 6.14
N VAL A 343 -7.38 -18.89 6.70
CA VAL A 343 -7.25 -17.58 6.02
C VAL A 343 -5.90 -17.56 5.28
N ARG A 344 -5.90 -17.08 4.04
CA ARG A 344 -4.69 -17.11 3.21
C ARG A 344 -4.44 -15.79 2.51
N ILE A 345 -3.20 -15.59 2.06
CA ILE A 345 -2.81 -14.42 1.29
C ILE A 345 -2.33 -14.84 -0.08
N SER A 346 -2.76 -14.12 -1.12
CA SER A 346 -2.09 -14.23 -2.43
C SER A 346 -1.36 -12.95 -2.75
N TYR A 347 -0.13 -13.10 -3.24
CA TYR A 347 0.66 -11.97 -3.71
C TYR A 347 0.66 -11.85 -5.22
N ASP A 348 -0.11 -12.72 -5.88
CA ASP A 348 -0.14 -12.77 -7.35
C ASP A 348 -1.05 -11.69 -7.93
N ALA A 349 -0.60 -11.08 -9.03
CA ALA A 349 -1.38 -10.02 -9.67
C ALA A 349 -2.74 -10.52 -10.13
N ASP A 350 -2.85 -11.84 -10.37
CA ASP A 350 -4.10 -12.47 -10.79
C ASP A 350 -4.63 -13.44 -9.71
N ALA A 351 -4.09 -13.33 -8.50
CA ALA A 351 -4.39 -14.25 -7.39
C ALA A 351 -4.31 -15.72 -7.81
N LYS A 352 -3.32 -16.06 -8.63
CA LYS A 352 -3.16 -17.45 -9.09
C LYS A 352 -2.93 -18.43 -7.94
N LYS A 353 -2.05 -18.09 -7.00
CA LYS A 353 -1.72 -18.97 -5.87
C LYS A 353 -1.87 -18.26 -4.55
N PHE A 354 -2.48 -18.96 -3.60
CA PHE A 354 -2.56 -18.50 -2.23
C PHE A 354 -1.58 -19.30 -1.37
N ASN A 355 -0.97 -18.63 -0.40
CA ASN A 355 -0.12 -19.30 0.58
C ASN A 355 -0.91 -20.30 1.41
N TYR A 356 -0.21 -21.11 2.20
CA TYR A 356 -0.87 -22.02 3.12
C TYR A 356 -1.78 -21.22 4.06
N GLY A 357 -1.27 -20.09 4.56
CA GLY A 357 -2.04 -19.19 5.39
C GLY A 357 -2.00 -19.59 6.85
N ARG A 358 -3.12 -19.43 7.54
CA ARG A 358 -3.17 -19.85 8.94
C ARG A 358 -4.53 -20.43 9.30
N LYS A 359 -4.51 -21.52 10.06
CA LYS A 359 -5.74 -22.13 10.57
C LYS A 359 -6.36 -21.25 11.63
N LEU A 360 -7.68 -21.02 11.54
CA LEU A 360 -8.34 -20.19 12.55
C LEU A 360 -8.32 -20.85 13.93
N GLU A 361 -8.28 -22.18 13.96
N GLU A 361 -8.25 -22.18 13.95
CA GLU A 361 -8.25 -22.90 15.24
CA GLU A 361 -8.21 -22.96 15.20
C GLU A 361 -7.01 -22.57 16.08
C GLU A 361 -6.93 -22.73 16.02
N ASP A 362 -5.96 -22.03 15.44
CA ASP A 362 -4.77 -21.54 16.16
C ASP A 362 -5.16 -20.46 17.19
N ALA A 363 -6.31 -19.81 16.96
CA ALA A 363 -6.85 -18.84 17.91
C ALA A 363 -8.31 -19.21 18.17
N LYS A 364 -8.49 -20.38 18.78
CA LYS A 364 -9.79 -20.99 19.00
C LYS A 364 -10.68 -20.17 19.93
N VAL A 365 -11.98 -20.15 19.64
CA VAL A 365 -12.97 -19.55 20.53
C VAL A 365 -13.58 -20.65 21.38
N SER A 366 -13.77 -20.38 22.67
CA SER A 366 -14.44 -21.34 23.55
C SER A 366 -15.88 -20.93 23.84
N GLY A 367 -16.75 -21.93 24.00
CA GLY A 367 -18.13 -21.70 24.44
C GLY A 367 -19.10 -21.23 23.38
N ALA A 368 -18.70 -21.35 22.11
CA ALA A 368 -19.55 -20.95 21.00
C ALA A 368 -19.63 -22.06 19.95
N GLY A 369 -19.48 -23.30 20.39
CA GLY A 369 -19.57 -24.46 19.50
C GLY A 369 -18.32 -24.69 18.66
N HIS A 370 -18.49 -25.48 17.61
CA HIS A 370 -17.40 -25.90 16.75
C HIS A 370 -17.36 -24.99 15.55
N GLU A 371 -16.30 -24.18 15.46
CA GLU A 371 -16.19 -23.17 14.42
C GLU A 371 -16.01 -23.79 13.04
N GLY A 372 -16.69 -23.22 12.06
CA GLY A 372 -16.52 -23.64 10.69
C GLY A 372 -17.80 -23.53 9.90
N GLY A 373 -17.66 -23.01 8.68
CA GLY A 373 -18.78 -22.83 7.76
C GLY A 373 -18.61 -21.58 6.93
N TYR A 374 -19.72 -20.89 6.67
CA TYR A 374 -19.72 -19.64 5.88
C TYR A 374 -18.94 -18.54 6.59
N SER A 375 -18.40 -17.61 5.81
CA SER A 375 -17.57 -16.56 6.37
C SER A 375 -17.69 -15.26 5.57
N SER A 376 -17.23 -14.16 6.15
CA SER A 376 -17.20 -12.88 5.44
C SER A 376 -16.10 -12.04 6.06
N MET A 377 -15.37 -11.33 5.22
CA MET A 377 -14.23 -10.55 5.68
C MET A 377 -14.30 -9.07 5.27
N THR A 378 -13.79 -8.22 6.15
CA THR A 378 -13.63 -6.79 5.90
C THR A 378 -12.27 -6.34 6.42
N LYS A 379 -11.79 -5.22 5.89
CA LYS A 379 -10.69 -4.48 6.49
CA LYS A 379 -10.69 -4.52 6.53
C LYS A 379 -11.27 -3.62 7.62
N THR A 380 -10.46 -3.36 8.64
CA THR A 380 -10.88 -2.43 9.70
C THR A 380 -10.05 -1.16 9.65
N GLY A 381 -10.50 -0.13 10.36
CA GLY A 381 -9.80 1.15 10.40
C GLY A 381 -8.48 1.12 11.17
N ASP A 382 -8.24 0.05 11.92
CA ASP A 382 -6.98 -0.06 12.66
C ASP A 382 -6.11 -1.18 12.09
N TYR A 383 -6.17 -1.31 10.77
CA TYR A 383 -5.25 -2.19 10.02
C TYR A 383 -5.34 -3.66 10.47
N LYS A 384 -6.57 -4.12 10.71
CA LYS A 384 -6.81 -5.53 10.93
C LYS A 384 -7.73 -6.04 9.83
N ILE A 385 -7.84 -7.36 9.78
CA ILE A 385 -8.89 -8.01 9.02
C ILE A 385 -9.96 -8.44 10.03
N GLY A 386 -11.21 -8.14 9.73
CA GLY A 386 -12.33 -8.61 10.54
C GLY A 386 -13.05 -9.71 9.80
N ALA A 387 -13.33 -10.81 10.48
CA ALA A 387 -14.00 -11.92 9.84
C ALA A 387 -15.14 -12.46 10.68
N LEU A 388 -16.29 -12.62 10.05
CA LEU A 388 -17.40 -13.37 10.61
C LEU A 388 -17.28 -14.82 10.16
N VAL A 389 -17.47 -15.76 11.08
CA VAL A 389 -17.36 -17.20 10.78
C VAL A 389 -18.45 -17.97 11.50
N GLU A 390 -19.15 -18.83 10.77
CA GLU A 390 -20.18 -19.68 11.37
C GLU A 390 -19.58 -20.68 12.35
N SER A 391 -20.39 -21.07 13.33
CA SER A 391 -20.01 -22.07 14.32
C SER A 391 -21.25 -22.91 14.67
N ASP A 392 -21.04 -24.18 15.02
CA ASP A 392 -22.12 -25.15 15.15
C ASP A 392 -21.93 -25.94 16.45
N PHE A 393 -22.89 -25.81 17.37
CA PHE A 393 -22.86 -26.55 18.64
C PHE A 393 -22.96 -28.06 18.47
N PHE A 394 -23.58 -28.50 17.36
CA PHE A 394 -23.68 -29.93 16.99
CA PHE A 394 -23.69 -29.93 17.00
C PHE A 394 -24.47 -30.76 18.03
N ASN A 395 -25.23 -30.09 18.88
CA ASN A 395 -26.03 -30.73 19.95
C ASN A 395 -27.10 -31.69 19.42
N ASP A 396 -27.49 -31.52 18.16
CA ASP A 396 -28.43 -32.41 17.50
C ASP A 396 -27.77 -33.06 16.29
N GLY A 397 -26.45 -33.20 16.33
CA GLY A 397 -25.72 -33.74 15.19
C GLY A 397 -26.00 -32.91 13.94
N THR A 398 -26.26 -33.57 12.82
CA THR A 398 -26.61 -32.88 11.58
C THR A 398 -28.08 -32.43 11.56
N GLY A 399 -28.79 -32.67 12.66
CA GLY A 399 -30.23 -32.39 12.75
C GLY A 399 -30.59 -30.92 12.89
N LYS A 400 -31.87 -30.62 12.70
CA LYS A 400 -32.40 -29.24 12.70
C LYS A 400 -32.25 -28.45 14.00
N ASN A 401 -32.04 -29.14 15.12
CA ASN A 401 -32.01 -28.44 16.40
C ASN A 401 -30.60 -28.07 16.88
N SER A 402 -29.61 -28.28 16.00
CA SER A 402 -28.23 -27.94 16.34
C SER A 402 -28.04 -26.44 16.23
N TYR A 403 -27.77 -25.81 17.37
CA TYR A 403 -27.70 -24.36 17.45
C TYR A 403 -26.50 -23.85 16.68
N ARG A 404 -26.70 -22.77 15.94
CA ARG A 404 -25.63 -22.18 15.13
C ARG A 404 -25.43 -20.74 15.58
N ALA A 405 -24.17 -20.39 15.79
CA ALA A 405 -23.78 -19.06 16.24
C ALA A 405 -22.82 -18.45 15.23
N ILE A 406 -22.54 -17.16 15.37
CA ILE A 406 -21.55 -16.51 14.50
C ILE A 406 -20.45 -15.81 15.30
N ILE A 407 -19.21 -16.17 14.95
CA ILE A 407 -18.01 -15.65 15.59
CA ILE A 407 -18.03 -15.63 15.61
C ILE A 407 -17.51 -14.43 14.83
N TRP A 408 -17.01 -13.44 15.58
CA TRP A 408 -16.32 -12.27 15.03
C TRP A 408 -14.86 -12.37 15.43
N ARG A 409 -13.98 -12.29 14.43
CA ARG A 409 -12.54 -12.37 14.63
C ARG A 409 -11.90 -11.11 14.10
N ARG A 410 -10.86 -10.64 14.78
CA ARG A 410 -9.95 -9.65 14.23
C ARG A 410 -8.54 -10.23 14.32
N PHE A 411 -7.78 -10.06 13.26
CA PHE A 411 -6.39 -10.47 13.22
C PHE A 411 -5.70 -9.61 12.17
N ASN A 412 -4.40 -9.41 12.33
CA ASN A 412 -3.61 -8.66 11.34
C ASN A 412 -2.81 -9.56 10.41
N LEU A 413 -2.20 -8.98 9.37
CA LEU A 413 -1.41 -9.77 8.44
C LEU A 413 -0.29 -10.51 9.17
N SER A 414 0.30 -9.85 10.16
CA SER A 414 1.37 -10.47 10.93
C SER A 414 0.91 -11.78 11.56
N TRP A 415 -0.30 -11.79 12.12
CA TRP A 415 -0.83 -13.01 12.70
C TRP A 415 -0.90 -14.11 11.64
N ILE A 416 -1.41 -13.79 10.44
CA ILE A 416 -1.50 -14.81 9.39
C ILE A 416 -0.09 -15.34 9.04
N LEU A 417 0.82 -14.39 8.83
CA LEU A 417 2.16 -14.70 8.32
C LEU A 417 3.02 -15.45 9.33
N ASN A 418 2.73 -15.26 10.61
CA ASN A 418 3.44 -15.99 11.66
C ASN A 418 2.85 -17.35 12.04
N GLY A 419 1.90 -17.83 11.24
CA GLY A 419 1.37 -19.19 11.38
C GLY A 419 2.44 -20.26 11.24
N PRO A 420 2.30 -21.37 11.99
CA PRO A 420 3.35 -22.40 12.07
C PRO A 420 3.37 -23.36 10.88
N ASN A 421 2.36 -23.28 10.02
CA ASN A 421 2.22 -24.24 8.92
C ASN A 421 2.60 -23.67 7.57
N ASN A 422 3.06 -22.42 7.57
CA ASN A 422 3.57 -21.76 6.37
C ASN A 422 4.89 -22.34 5.86
N ASP B 39 -0.28 4.12 13.31
CA ASP B 39 0.54 3.53 12.21
C ASP B 39 0.88 2.08 12.51
N PRO B 40 0.46 1.14 11.64
CA PRO B 40 0.64 -0.29 11.90
C PRO B 40 2.10 -0.78 11.85
N ALA B 41 3.01 0.06 11.39
CA ALA B 41 4.42 -0.27 11.33
C ALA B 41 5.13 -0.05 12.68
N LYS B 42 4.49 0.69 13.57
CA LYS B 42 5.09 1.03 14.86
C LYS B 42 5.37 -0.18 15.75
N SER B 43 4.54 -1.22 15.63
CA SER B 43 4.65 -2.37 16.53
C SER B 43 5.81 -3.32 16.22
N ALA B 44 6.43 -3.17 15.05
CA ALA B 44 7.67 -3.91 14.75
C ALA B 44 8.79 -3.50 15.70
N ALA B 45 9.71 -4.42 16.00
CA ALA B 45 10.95 -4.06 16.72
C ALA B 45 11.69 -3.00 15.89
N PRO B 46 12.09 -1.89 16.54
CA PRO B 46 12.87 -0.87 15.84
C PRO B 46 14.12 -1.49 15.25
N TYR B 47 14.44 -1.14 14.01
CA TYR B 47 15.61 -1.69 13.32
C TYR B 47 16.46 -0.53 12.85
N HIS B 48 17.77 -0.62 13.04
CA HIS B 48 18.68 0.38 12.46
C HIS B 48 20.07 -0.20 12.22
N ASP B 49 20.62 0.06 11.02
CA ASP B 49 22.04 -0.22 10.67
C ASP B 49 22.67 1.13 10.33
N GLU B 50 23.96 1.32 10.62
CA GLU B 50 24.67 2.53 10.16
C GLU B 50 26.19 2.35 10.13
N PHE B 51 26.82 2.85 9.07
CA PHE B 51 28.27 2.75 8.89
C PHE B 51 28.72 3.64 7.74
N PRO B 52 30.01 4.04 7.76
CA PRO B 52 30.57 4.83 6.66
C PRO B 52 30.50 4.02 5.37
N LEU B 53 30.05 4.63 4.29
CA LEU B 53 30.04 3.94 2.98
C LEU B 53 31.07 4.54 2.03
N PHE B 54 31.34 5.83 2.18
CA PHE B 54 32.39 6.47 1.42
C PHE B 54 33.38 7.03 2.41
N ARG B 55 34.53 6.35 2.51
CA ARG B 55 35.54 6.61 3.54
C ARG B 55 36.63 7.51 2.97
N SER B 56 36.69 8.73 3.52
CA SER B 56 37.62 9.77 3.10
C SER B 56 39.09 9.39 3.41
N ALA B 57 40.03 10.13 2.81
CA ALA B 57 41.44 9.72 2.76
C ALA B 57 42.09 9.59 4.12
N ASN B 58 41.51 10.26 5.12
CA ASN B 58 42.05 10.26 6.49
C ASN B 58 41.69 9.00 7.27
N MET B 59 40.66 8.30 6.81
CA MET B 59 40.14 7.16 7.55
C MET B 59 40.94 5.90 7.29
N ALA B 60 40.93 4.98 8.26
CA ALA B 60 41.50 3.65 8.03
C ALA B 60 40.74 3.03 6.85
N SER B 61 41.43 2.23 6.06
CA SER B 61 40.84 1.62 4.85
C SER B 61 40.07 2.65 4.03
N PRO B 62 40.75 3.72 3.58
CA PRO B 62 40.04 4.75 2.81
C PRO B 62 39.55 4.18 1.46
N ASP B 63 38.46 4.73 0.94
CA ASP B 63 37.94 4.29 -0.35
C ASP B 63 38.79 4.77 -1.50
N LYS B 64 39.27 3.82 -2.28
CA LYS B 64 40.04 4.11 -3.49
C LYS B 64 39.46 3.31 -4.64
N LEU B 65 39.66 3.82 -5.86
CA LEU B 65 39.34 3.06 -7.07
C LEU B 65 40.34 1.92 -7.22
N SER B 66 40.04 0.99 -8.11
CA SER B 66 40.88 -0.20 -8.31
C SER B 66 42.25 0.20 -8.84
N THR B 67 42.32 1.41 -9.39
CA THR B 67 43.56 1.99 -9.90
C THR B 67 44.43 2.57 -8.78
N GLY B 68 43.95 2.51 -7.54
CA GLY B 68 44.67 3.06 -6.40
C GLY B 68 44.44 4.54 -6.12
N ILE B 69 43.59 5.18 -6.94
CA ILE B 69 43.31 6.60 -6.81
C ILE B 69 42.33 6.84 -5.65
N GLY B 70 42.73 7.67 -4.70
CA GLY B 70 41.90 7.95 -3.52
C GLY B 70 41.39 9.37 -3.52
N PHE B 71 40.58 9.70 -2.51
CA PHE B 71 39.90 10.98 -2.47
C PHE B 71 39.94 11.61 -1.10
N HIS B 72 40.36 12.87 -1.06
CA HIS B 72 40.31 13.66 0.16
C HIS B 72 38.90 13.61 0.77
N SER B 73 37.89 13.86 -0.06
CA SER B 73 36.52 13.99 0.41
C SER B 73 35.53 13.33 -0.55
N PHE B 74 34.44 12.82 0.01
CA PHE B 74 33.30 12.41 -0.77
C PHE B 74 32.13 13.28 -0.34
N ARG B 75 31.48 13.90 -1.31
CA ARG B 75 30.37 14.79 -1.01
C ARG B 75 29.22 14.56 -2.00
N ILE B 76 28.05 15.08 -1.63
CA ILE B 76 26.89 15.17 -2.53
C ILE B 76 26.35 13.77 -2.91
N PRO B 77 25.77 13.05 -1.94
CA PRO B 77 25.28 11.68 -2.15
C PRO B 77 23.99 11.58 -2.97
N ALA B 78 23.82 10.45 -3.64
CA ALA B 78 22.56 10.09 -4.27
C ALA B 78 22.41 8.59 -4.16
N VAL B 79 21.19 8.13 -3.89
CA VAL B 79 20.95 6.69 -3.75
C VAL B 79 19.63 6.28 -4.39
N VAL B 80 19.64 5.16 -5.11
CA VAL B 80 18.41 4.58 -5.66
C VAL B 80 18.42 3.06 -5.52
N ARG B 81 17.26 2.48 -5.23
CA ARG B 81 17.05 1.04 -5.41
C ARG B 81 16.55 0.79 -6.82
N THR B 82 17.10 -0.20 -7.49
CA THR B 82 16.71 -0.52 -8.85
C THR B 82 15.52 -1.49 -8.84
N THR B 83 15.00 -1.84 -10.02
CA THR B 83 13.85 -2.78 -10.05
C THR B 83 14.24 -4.20 -9.60
N THR B 84 15.53 -4.49 -9.57
CA THR B 84 16.00 -5.80 -9.12
C THR B 84 16.15 -5.90 -7.60
N GLY B 85 16.19 -4.74 -6.92
CA GLY B 85 16.46 -4.70 -5.49
C GLY B 85 17.89 -4.33 -5.15
N ARG B 86 18.75 -4.24 -6.18
CA ARG B 86 20.12 -3.78 -6.01
C ARG B 86 20.07 -2.30 -5.61
N ILE B 87 21.04 -1.87 -4.82
CA ILE B 87 21.09 -0.45 -4.42
C ILE B 87 22.33 0.17 -5.06
N LEU B 88 22.15 1.38 -5.60
CA LEU B 88 23.26 2.12 -6.20
C LEU B 88 23.46 3.40 -5.42
N ALA B 89 24.68 3.61 -4.92
CA ALA B 89 25.02 4.80 -4.14
C ALA B 89 26.03 5.62 -4.93
N PHE B 90 25.76 6.91 -5.13
CA PHE B 90 26.64 7.79 -5.90
C PHE B 90 27.19 8.92 -5.02
N ALA B 91 28.37 9.42 -5.39
CA ALA B 91 28.94 10.58 -4.73
C ALA B 91 29.90 11.29 -5.67
N GLU B 92 30.27 12.52 -5.31
CA GLU B 92 31.39 13.21 -5.93
C GLU B 92 32.68 12.78 -5.24
N GLY B 93 33.66 12.38 -6.03
CA GLY B 93 35.00 12.10 -5.50
C GLY B 93 35.84 13.36 -5.64
N ARG B 94 36.00 14.07 -4.53
CA ARG B 94 36.76 15.32 -4.50
C ARG B 94 38.21 14.98 -4.17
N ARG B 95 39.05 14.96 -5.20
CA ARG B 95 40.38 14.36 -5.13
C ARG B 95 41.28 14.94 -4.03
N HIS B 96 41.40 16.27 -4.01
CA HIS B 96 42.47 16.92 -3.24
C HIS B 96 42.04 17.73 -2.01
N THR B 97 40.83 18.26 -2.03
CA THR B 97 40.27 19.07 -0.94
C THR B 97 38.76 18.85 -0.91
N ASN B 98 38.06 19.51 0.00
CA ASN B 98 36.59 19.42 0.05
C ASN B 98 35.87 20.42 -0.85
N GLN B 99 36.64 21.20 -1.62
CA GLN B 99 36.11 22.32 -2.39
C GLN B 99 35.27 21.91 -3.62
N ASP B 100 34.37 22.79 -4.05
CA ASP B 100 33.41 22.53 -5.13
CA ASP B 100 33.45 22.43 -5.14
C ASP B 100 34.03 22.70 -6.54
N PHE B 101 35.34 22.87 -6.62
CA PHE B 101 35.97 23.13 -7.91
C PHE B 101 37.25 22.32 -8.04
N GLY B 102 37.74 22.16 -9.26
CA GLY B 102 38.96 21.41 -9.52
C GLY B 102 38.68 19.97 -9.91
N ASP B 103 39.53 19.06 -9.45
CA ASP B 103 39.46 17.66 -9.85
C ASP B 103 38.39 16.89 -9.05
N ILE B 104 37.23 16.75 -9.66
CA ILE B 104 36.11 16.09 -9.02
C ILE B 104 35.50 15.13 -10.03
N ASN B 105 35.44 13.84 -9.67
CA ASN B 105 34.81 12.86 -10.54
C ASN B 105 33.47 12.41 -9.96
N LEU B 106 32.85 11.43 -10.61
CA LEU B 106 31.60 10.90 -10.09
C LEU B 106 31.83 9.42 -9.81
N VAL B 107 31.72 9.06 -8.53
CA VAL B 107 31.99 7.70 -8.09
C VAL B 107 30.70 7.01 -7.63
N TYR B 108 30.76 5.69 -7.50
CA TYR B 108 29.61 4.92 -7.04
C TYR B 108 30.00 3.59 -6.45
N LYS B 109 29.06 2.99 -5.74
CA LYS B 109 29.16 1.61 -5.30
C LYS B 109 27.80 0.98 -5.49
N ARG B 110 27.78 -0.33 -5.70
CA ARG B 110 26.54 -1.09 -5.72
C ARG B 110 26.57 -2.14 -4.61
N THR B 111 25.40 -2.56 -4.17
CA THR B 111 25.32 -3.78 -3.35
C THR B 111 25.80 -4.94 -4.20
N LYS B 112 26.50 -5.90 -3.58
CA LYS B 112 27.11 -7.01 -4.35
C LYS B 112 26.04 -7.85 -5.03
N THR B 113 24.90 -8.00 -4.37
CA THR B 113 23.78 -8.76 -4.92
C THR B 113 22.52 -7.90 -4.92
N THR B 114 21.48 -8.41 -5.58
CA THR B 114 20.19 -7.73 -5.61
C THR B 114 19.41 -7.96 -4.32
N ALA B 115 19.90 -8.86 -3.46
CA ALA B 115 19.12 -9.32 -2.32
C ALA B 115 19.68 -8.94 -0.95
N ASN B 116 20.92 -8.46 -0.86
CA ASN B 116 21.53 -8.23 0.46
C ASN B 116 21.13 -6.90 1.13
N ASN B 117 20.54 -6.00 0.33
CA ASN B 117 19.95 -4.75 0.83
C ASN B 117 20.96 -3.79 1.47
N GLY B 118 22.25 -4.04 1.24
CA GLY B 118 23.31 -3.21 1.79
C GLY B 118 23.36 -3.18 3.32
N ALA B 119 23.02 -4.30 3.95
CA ALA B 119 22.86 -4.34 5.41
C ALA B 119 24.18 -4.20 6.21
N SER B 120 25.28 -4.69 5.64
CA SER B 120 26.62 -4.68 6.27
C SER B 120 27.65 -4.07 5.32
N PRO B 121 28.77 -3.56 5.85
CA PRO B 121 29.82 -3.04 4.97
C PRO B 121 30.22 -4.03 3.87
N SER B 122 30.34 -5.31 4.23
CA SER B 122 30.73 -6.36 3.30
C SER B 122 29.70 -6.64 2.20
N ASP B 123 28.47 -6.13 2.35
CA ASP B 123 27.44 -6.27 1.33
C ASP B 123 27.66 -5.34 0.12
N TRP B 124 28.58 -4.40 0.25
CA TRP B 124 28.82 -3.38 -0.79
C TRP B 124 30.08 -3.66 -1.58
N GLU B 125 29.99 -3.46 -2.90
CA GLU B 125 31.14 -3.58 -3.79
C GLU B 125 32.16 -2.49 -3.48
N PRO B 126 33.43 -2.68 -3.89
CA PRO B 126 34.45 -1.64 -3.81
C PRO B 126 34.07 -0.42 -4.67
N LEU B 127 34.70 0.72 -4.40
CA LEU B 127 34.40 1.97 -5.10
C LEU B 127 34.68 1.83 -6.60
N ARG B 128 33.76 2.37 -7.41
CA ARG B 128 33.95 2.45 -8.85
C ARG B 128 33.67 3.86 -9.33
N GLU B 129 33.93 4.11 -10.62
CA GLU B 129 33.83 5.43 -11.21
C GLU B 129 32.82 5.42 -12.35
N VAL B 130 31.81 6.30 -12.26
CA VAL B 130 30.86 6.50 -13.36
C VAL B 130 31.58 7.22 -14.52
N VAL B 131 32.21 8.33 -14.19
CA VAL B 131 32.92 9.13 -15.18
C VAL B 131 34.06 9.84 -14.47
N GLY B 132 35.19 9.89 -15.17
CA GLY B 132 36.39 10.51 -14.67
C GLY B 132 36.40 11.97 -15.01
N SER B 133 37.09 12.72 -14.17
CA SER B 133 37.09 14.18 -14.21
C SER B 133 37.74 14.77 -15.46
N GLY B 134 38.83 14.16 -15.94
CA GLY B 134 39.52 14.67 -17.13
C GLY B 134 39.99 16.09 -16.84
N ALA B 135 39.68 17.01 -17.76
CA ALA B 135 39.96 18.44 -17.54
C ALA B 135 38.67 19.12 -17.07
N GLY B 136 37.84 18.35 -16.36
CA GLY B 136 36.55 18.83 -15.87
C GLY B 136 36.21 18.51 -14.43
N THR B 137 35.00 18.88 -14.06
CA THR B 137 34.56 18.85 -12.69
C THR B 137 33.12 18.37 -12.75
N TRP B 138 32.91 17.13 -12.35
CA TRP B 138 31.57 16.53 -12.33
C TRP B 138 30.88 16.85 -11.02
N GLY B 139 29.54 16.74 -11.02
CA GLY B 139 28.82 16.95 -9.78
C GLY B 139 27.35 16.62 -9.84
N ASN B 140 26.71 16.70 -8.67
CA ASN B 140 25.25 16.71 -8.56
C ASN B 140 24.58 15.46 -9.08
N PRO B 141 24.99 14.28 -8.59
CA PRO B 141 24.31 13.08 -9.08
C PRO B 141 22.83 13.14 -8.80
N THR B 142 22.02 12.98 -9.84
CA THR B 142 20.57 13.00 -9.69
C THR B 142 19.99 11.83 -10.50
N PRO B 143 19.96 10.62 -9.89
CA PRO B 143 19.49 9.44 -10.60
C PRO B 143 17.98 9.25 -10.50
N VAL B 144 17.46 8.49 -11.46
CA VAL B 144 16.09 8.02 -11.40
C VAL B 144 16.03 6.69 -12.14
N VAL B 145 15.31 5.73 -11.56
CA VAL B 145 15.17 4.40 -12.16
C VAL B 145 13.88 4.30 -13.00
N ASP B 146 14.04 3.97 -14.27
CA ASP B 146 12.88 3.86 -15.17
C ASP B 146 12.28 2.44 -15.15
N ASP B 147 11.11 2.29 -15.77
CA ASP B 147 10.31 1.06 -15.65
C ASP B 147 11.02 -0.18 -16.19
N ASP B 148 11.90 0.05 -17.17
CA ASP B 148 12.66 -1.02 -17.82
C ASP B 148 13.97 -1.31 -17.07
N ASN B 149 14.14 -0.65 -15.92
CA ASN B 149 15.38 -0.68 -15.11
C ASN B 149 16.58 0.05 -15.70
N THR B 150 16.37 0.84 -16.75
CA THR B 150 17.39 1.81 -17.15
C THR B 150 17.52 2.77 -15.98
N ILE B 151 18.75 2.96 -15.51
CA ILE B 151 18.97 3.93 -14.45
C ILE B 151 19.55 5.16 -15.14
N TYR B 152 18.78 6.25 -15.13
CA TYR B 152 19.26 7.52 -15.67
C TYR B 152 20.02 8.26 -14.58
N LEU B 153 21.13 8.90 -14.95
CA LEU B 153 21.88 9.72 -13.98
C LEU B 153 22.17 11.09 -14.59
N PHE B 154 21.44 12.10 -14.14
CA PHE B 154 21.72 13.47 -14.54
C PHE B 154 22.87 13.98 -13.70
N LEU B 155 23.73 14.78 -14.32
CA LEU B 155 24.93 15.33 -13.68
C LEU B 155 25.17 16.73 -14.17
N SER B 156 25.83 17.52 -13.32
CA SER B 156 26.38 18.81 -13.73
C SER B 156 27.84 18.64 -14.12
N TRP B 157 28.32 19.56 -14.96
CA TRP B 157 29.73 19.58 -15.36
C TRP B 157 30.18 21.02 -15.51
N ASN B 158 31.40 21.31 -15.08
CA ASN B 158 32.07 22.56 -15.49
C ASN B 158 33.56 22.30 -15.71
N GLY B 159 34.21 23.24 -16.38
CA GLY B 159 35.65 23.14 -16.65
C GLY B 159 36.47 23.25 -15.38
N ALA B 160 37.58 22.53 -15.33
CA ALA B 160 38.37 22.40 -14.10
C ALA B 160 39.19 23.66 -13.82
N THR B 161 39.17 24.61 -14.76
CA THR B 161 39.77 25.93 -14.55
C THR B 161 38.74 26.98 -14.09
N TYR B 162 37.49 26.56 -13.88
CA TYR B 162 36.43 27.47 -13.43
C TYR B 162 35.92 27.14 -12.02
N SER B 163 35.45 28.16 -11.32
CA SER B 163 34.72 28.00 -10.04
C SER B 163 33.60 29.03 -9.94
N GLN B 164 32.66 28.76 -9.03
CA GLN B 164 31.52 29.65 -8.82
C GLN B 164 31.92 31.11 -8.64
N ASN B 165 32.87 31.37 -7.74
CA ASN B 165 33.28 32.74 -7.42
C ASN B 165 34.42 33.26 -8.31
N GLY B 166 35.21 32.34 -8.86
CA GLY B 166 36.44 32.72 -9.56
C GLY B 166 37.53 33.17 -8.61
N LYS B 167 38.76 33.18 -9.13
CA LYS B 167 39.95 33.56 -8.36
C LYS B 167 40.22 32.65 -7.16
N ASP B 168 39.73 31.42 -7.25
CA ASP B 168 40.01 30.40 -6.25
C ASP B 168 41.31 29.72 -6.62
N VAL B 169 42.10 29.34 -5.61
CA VAL B 169 43.42 28.74 -5.88
C VAL B 169 43.33 27.22 -5.96
N LEU B 170 43.81 26.67 -7.08
CA LEU B 170 43.85 25.24 -7.32
C LEU B 170 45.07 24.62 -6.65
N PRO B 171 45.09 23.28 -6.47
CA PRO B 171 46.21 22.65 -5.76
C PRO B 171 47.57 22.89 -6.40
N ASP B 172 47.60 23.14 -7.71
CA ASP B 172 48.86 23.43 -8.40
C ASP B 172 49.23 24.91 -8.43
N GLY B 173 48.49 25.72 -7.66
CA GLY B 173 48.75 27.15 -7.57
C GLY B 173 48.05 28.03 -8.60
N THR B 174 47.49 27.40 -9.62
CA THR B 174 46.66 28.07 -10.64
C THR B 174 45.43 28.73 -10.00
N VAL B 175 44.95 29.79 -10.64
CA VAL B 175 43.79 30.53 -10.18
C VAL B 175 42.64 30.30 -11.16
N THR B 176 41.45 30.00 -10.62
CA THR B 176 40.28 29.73 -11.44
C THR B 176 39.68 31.00 -12.08
N LYS B 177 38.98 30.82 -13.20
CA LYS B 177 38.12 31.85 -13.74
C LYS B 177 36.72 31.72 -13.13
N LYS B 178 35.98 32.82 -13.14
CA LYS B 178 34.60 32.78 -12.67
C LYS B 178 33.69 32.10 -13.68
N ILE B 179 32.83 31.20 -13.19
CA ILE B 179 31.80 30.58 -14.04
C ILE B 179 30.97 31.70 -14.68
N ASP B 180 30.75 31.58 -15.99
CA ASP B 180 30.08 32.63 -16.76
C ASP B 180 29.16 32.02 -17.80
N SER B 181 28.60 32.84 -18.68
CA SER B 181 27.58 32.35 -19.62
C SER B 181 28.15 31.82 -20.95
N THR B 182 29.48 31.78 -21.07
CA THR B 182 30.11 31.23 -22.27
C THR B 182 29.97 29.72 -22.27
N TRP B 183 30.02 29.11 -23.46
CA TRP B 183 29.94 27.66 -23.58
C TRP B 183 31.02 27.01 -22.74
N GLU B 184 32.23 27.55 -22.77
CA GLU B 184 33.34 26.93 -22.05
C GLU B 184 33.29 27.21 -20.55
N GLY B 185 32.62 28.28 -20.17
CA GLY B 185 32.63 28.73 -18.78
C GLY B 185 31.38 28.48 -17.97
N ARG B 186 30.34 27.96 -18.61
CA ARG B 186 29.05 27.75 -17.93
C ARG B 186 28.97 26.37 -17.32
N LEU B 187 27.98 26.18 -16.46
CA LEU B 187 27.65 24.84 -15.97
C LEU B 187 26.81 24.11 -16.99
N HIS B 188 27.24 22.88 -17.29
CA HIS B 188 26.59 22.02 -18.25
C HIS B 188 25.72 20.99 -17.53
N LEU B 189 24.77 20.43 -18.28
CA LEU B 189 23.90 19.39 -17.78
C LEU B 189 24.11 18.18 -18.67
N TYR B 190 24.53 17.09 -18.05
CA TYR B 190 24.86 15.85 -18.73
C TYR B 190 23.92 14.72 -18.29
N LEU B 191 23.79 13.73 -19.16
CA LEU B 191 23.03 12.53 -18.84
C LEU B 191 23.82 11.27 -19.21
N THR B 192 23.96 10.38 -18.23
CA THR B 192 24.47 9.04 -18.49
C THR B 192 23.45 8.04 -17.99
N GLU B 193 23.53 6.81 -18.48
CA GLU B 193 22.60 5.78 -18.01
C GLU B 193 23.25 4.40 -18.02
N SER B 194 22.64 3.49 -17.27
CA SER B 194 23.05 2.10 -17.19
C SER B 194 21.91 1.19 -17.61
N ARG B 195 22.24 0.17 -18.42
CA ARG B 195 21.27 -0.81 -18.85
C ARG B 195 21.49 -2.14 -18.14
N ASP B 196 22.50 -2.20 -17.27
CA ASP B 196 22.90 -3.45 -16.65
C ASP B 196 22.92 -3.36 -15.11
N ASP B 197 21.88 -2.74 -14.56
CA ASP B 197 21.70 -2.67 -13.10
C ASP B 197 22.89 -1.94 -12.46
N GLY B 198 23.37 -0.90 -13.13
CA GLY B 198 24.44 -0.06 -12.59
C GLY B 198 25.85 -0.57 -12.81
N ASN B 199 26.00 -1.74 -13.44
CA ASN B 199 27.34 -2.31 -13.62
C ASN B 199 28.24 -1.44 -14.49
N THR B 200 27.68 -0.93 -15.60
CA THR B 200 28.44 -0.04 -16.49
C THR B 200 27.61 1.19 -16.85
N TRP B 201 28.30 2.25 -17.26
CA TRP B 201 27.64 3.52 -17.57
C TRP B 201 28.07 4.02 -18.93
N SER B 202 27.14 4.67 -19.63
CA SER B 202 27.43 5.23 -20.94
C SER B 202 28.29 6.49 -20.82
N LYS B 203 28.95 6.86 -21.92
CA LYS B 203 29.64 8.14 -21.98
C LYS B 203 28.56 9.22 -21.81
N PRO B 204 28.73 10.12 -20.82
CA PRO B 204 27.71 11.14 -20.58
C PRO B 204 27.51 12.04 -21.80
N VAL B 205 26.25 12.35 -22.09
CA VAL B 205 25.91 13.19 -23.23
C VAL B 205 25.48 14.57 -22.75
N ASP B 206 26.00 15.59 -23.42
CA ASP B 206 25.73 16.97 -23.02
C ASP B 206 24.36 17.44 -23.51
N LEU B 207 23.44 17.67 -22.57
CA LEU B 207 22.07 18.09 -22.90
C LEU B 207 21.78 19.57 -22.56
N THR B 208 22.85 20.33 -22.35
CA THR B 208 22.73 21.73 -21.90
C THR B 208 21.88 22.57 -22.85
N LYS B 209 22.15 22.47 -24.15
CA LYS B 209 21.41 23.32 -25.10
C LYS B 209 19.91 22.98 -25.10
N GLU B 210 19.59 21.72 -24.82
CA GLU B 210 18.22 21.22 -24.81
C GLU B 210 17.50 21.54 -23.49
N LEU B 211 18.21 21.35 -22.36
CA LEU B 211 17.55 21.34 -21.06
C LEU B 211 17.99 22.41 -20.05
N THR B 212 18.88 23.31 -20.44
CA THR B 212 19.24 24.45 -19.59
C THR B 212 18.92 25.75 -20.35
N PRO B 213 18.26 26.71 -19.69
CA PRO B 213 17.92 27.92 -20.44
C PRO B 213 19.15 28.64 -20.99
N ASP B 214 18.99 29.22 -22.17
CA ASP B 214 20.05 30.05 -22.76
C ASP B 214 20.44 31.21 -21.84
N GLY B 215 21.71 31.58 -21.88
CA GLY B 215 22.19 32.74 -21.12
C GLY B 215 22.56 32.43 -19.69
N TRP B 216 22.29 31.20 -19.25
CA TRP B 216 22.60 30.79 -17.90
C TRP B 216 24.10 30.55 -17.73
N ALA B 217 24.59 30.84 -16.53
CA ALA B 217 25.97 30.58 -16.17
C ALA B 217 25.97 29.44 -15.15
N TRP B 218 25.72 29.78 -13.88
CA TRP B 218 25.57 28.77 -12.84
C TRP B 218 24.31 27.92 -13.09
N ASP B 219 24.35 26.68 -12.63
CA ASP B 219 23.25 25.76 -12.73
C ASP B 219 23.41 24.66 -11.68
N ALA B 220 22.32 23.93 -11.44
CA ALA B 220 22.38 22.74 -10.62
C ALA B 220 21.26 21.80 -11.06
N VAL B 221 21.54 20.51 -10.99
CA VAL B 221 20.49 19.49 -11.08
C VAL B 221 20.44 18.76 -9.73
N GLY B 222 19.23 18.47 -9.22
CA GLY B 222 19.11 17.91 -7.87
C GLY B 222 19.95 18.75 -6.90
N PRO B 223 20.90 18.12 -6.17
CA PRO B 223 21.29 16.72 -6.24
C PRO B 223 20.42 15.82 -5.35
N GLY B 224 20.40 14.54 -5.69
CA GLY B 224 19.70 13.56 -4.88
C GLY B 224 19.00 12.50 -5.69
N ASN B 225 17.83 12.83 -6.24
CA ASN B 225 17.08 11.88 -7.05
C ASN B 225 15.95 12.51 -7.84
N GLY B 226 15.60 11.85 -8.95
CA GLY B 226 14.35 12.13 -9.66
C GLY B 226 13.30 11.10 -9.28
N ILE B 227 12.10 11.23 -9.86
CA ILE B 227 11.00 10.35 -9.52
C ILE B 227 10.25 9.88 -10.77
N ARG B 228 9.47 8.82 -10.61
CA ARG B 228 8.59 8.30 -11.66
C ARG B 228 7.15 8.46 -11.12
N LEU B 229 6.31 9.13 -11.89
CA LEU B 229 4.94 9.42 -11.46
C LEU B 229 4.01 8.23 -11.65
N THR B 230 2.95 8.18 -10.86
CA THR B 230 1.94 7.13 -11.02
C THR B 230 1.43 7.13 -12.47
N THR B 231 1.40 8.32 -13.06
CA THR B 231 0.89 8.49 -14.42
C THR B 231 1.94 8.15 -15.49
N GLY B 232 3.18 7.87 -15.05
CA GLY B 232 4.20 7.28 -15.94
C GLY B 232 5.39 8.14 -16.34
N GLU B 233 5.32 9.44 -16.09
CA GLU B 233 6.38 10.37 -16.47
C GLU B 233 7.53 10.34 -15.46
N LEU B 234 8.71 10.76 -15.91
CA LEU B 234 9.80 11.03 -14.98
C LEU B 234 9.85 12.52 -14.69
N VAL B 235 10.18 12.89 -13.45
CA VAL B 235 10.40 14.29 -13.09
C VAL B 235 11.71 14.36 -12.34
N ILE B 236 12.60 15.22 -12.83
CA ILE B 236 13.91 15.41 -12.21
C ILE B 236 14.00 16.87 -11.77
N PRO B 237 14.22 17.12 -10.46
CA PRO B 237 14.29 18.51 -10.01
C PRO B 237 15.64 19.14 -10.37
N ALA B 238 15.60 20.41 -10.78
CA ALA B 238 16.80 21.15 -11.08
C ALA B 238 16.62 22.63 -10.68
N MET B 239 17.66 23.42 -10.89
CA MET B 239 17.59 24.83 -10.55
C MET B 239 16.51 25.51 -11.40
N GLY B 240 15.57 26.15 -10.72
CA GLY B 240 14.52 26.94 -11.37
C GLY B 240 13.60 26.20 -12.33
N ARG B 241 13.63 24.87 -12.30
CA ARG B 241 12.90 24.07 -13.27
C ARG B 241 12.82 22.60 -12.90
N ASN B 242 11.82 21.92 -13.45
CA ASN B 242 11.81 20.47 -13.48
C ASN B 242 12.16 20.01 -14.88
N ILE B 243 12.85 18.88 -14.99
CA ILE B 243 13.05 18.19 -16.26
C ILE B 243 12.05 17.05 -16.30
N ILE B 244 11.25 16.98 -17.37
CA ILE B 244 10.20 15.97 -17.49
C ILE B 244 10.58 14.95 -18.55
N GLY B 245 10.47 13.67 -18.20
CA GLY B 245 10.72 12.57 -19.11
C GLY B 245 9.40 11.94 -19.51
N ARG B 246 9.15 11.87 -20.81
CA ARG B 246 7.92 11.24 -21.31
C ARG B 246 8.26 10.18 -22.35
N GLY B 247 7.34 9.24 -22.55
CA GLY B 247 7.51 8.22 -23.59
C GLY B 247 8.00 6.91 -23.03
N ALA B 248 8.66 6.14 -23.88
CA ALA B 248 9.05 4.77 -23.54
C ALA B 248 10.11 4.73 -22.44
N PRO B 249 9.92 3.85 -21.43
CA PRO B 249 10.90 3.63 -20.35
C PRO B 249 12.32 3.40 -20.88
N GLY B 250 13.29 4.18 -20.40
CA GLY B 250 14.68 4.04 -20.83
C GLY B 250 15.00 4.64 -22.20
N ASN B 251 13.98 5.23 -22.81
CA ASN B 251 14.12 5.95 -24.09
CA ASN B 251 14.07 5.90 -24.11
C ASN B 251 13.24 7.20 -24.07
N ARG B 252 13.29 7.90 -22.95
CA ARG B 252 12.48 9.10 -22.77
C ARG B 252 12.88 10.26 -23.65
N THR B 253 11.91 11.10 -23.97
CA THR B 253 12.20 12.42 -24.53
C THR B 253 12.04 13.42 -23.39
N TRP B 254 12.88 14.45 -23.40
CA TRP B 254 12.96 15.40 -22.28
C TRP B 254 12.38 16.76 -22.65
N SER B 255 11.81 17.42 -21.66
CA SER B 255 11.43 18.84 -21.82
C SER B 255 11.59 19.57 -20.49
N VAL B 256 11.50 20.89 -20.53
CA VAL B 256 11.71 21.72 -19.35
C VAL B 256 10.40 22.36 -18.88
N GLN B 257 10.09 22.20 -17.59
CA GLN B 257 9.02 22.91 -16.91
C GLN B 257 9.67 23.98 -16.04
N ARG B 258 9.55 25.25 -16.45
CA ARG B 258 10.13 26.34 -15.68
C ARG B 258 9.30 26.62 -14.43
N LEU B 259 9.98 26.97 -13.34
CA LEU B 259 9.35 27.19 -12.05
C LEU B 259 9.72 28.55 -11.47
N SER B 260 8.73 29.43 -11.35
CA SER B 260 8.97 30.74 -10.75
CA SER B 260 8.95 30.74 -10.74
C SER B 260 9.24 30.63 -9.25
N GLY B 261 10.39 31.15 -8.82
CA GLY B 261 10.73 31.22 -7.41
C GLY B 261 11.37 29.97 -6.83
N ALA B 262 11.59 28.95 -7.66
CA ALA B 262 12.28 27.72 -7.23
C ALA B 262 13.73 27.99 -6.86
N GLY B 263 14.28 27.14 -5.99
CA GLY B 263 15.67 27.24 -5.56
C GLY B 263 16.65 26.67 -6.57
N ALA B 264 17.93 26.69 -6.20
CA ALA B 264 18.98 26.08 -7.01
C ALA B 264 18.99 24.57 -6.80
N GLU B 265 18.85 24.15 -5.54
CA GLU B 265 18.89 22.73 -5.18
C GLU B 265 17.54 22.25 -4.70
N GLY B 266 16.84 21.55 -5.58
CA GLY B 266 15.45 21.17 -5.34
C GLY B 266 15.26 19.70 -5.09
N THR B 267 14.15 19.36 -4.45
CA THR B 267 13.70 17.97 -4.33
C THR B 267 12.27 17.91 -4.85
N ILE B 268 11.85 16.73 -5.28
CA ILE B 268 10.52 16.55 -5.83
C ILE B 268 9.94 15.24 -5.30
N VAL B 269 8.65 15.26 -5.00
CA VAL B 269 7.94 14.03 -4.65
C VAL B 269 6.51 14.14 -5.18
N GLN B 270 5.91 12.98 -5.48
CA GLN B 270 4.48 12.95 -5.74
C GLN B 270 3.78 12.64 -4.42
N THR B 271 2.95 13.57 -3.98
CA THR B 271 2.28 13.44 -2.70
C THR B 271 1.10 12.48 -2.87
N PRO B 272 0.53 11.99 -1.74
CA PRO B 272 -0.54 10.99 -1.89
C PRO B 272 -1.73 11.44 -2.74
N ASP B 273 -2.01 12.75 -2.76
CA ASP B 273 -3.12 13.28 -3.56
C ASP B 273 -2.85 13.19 -5.06
N GLY B 274 -1.66 12.72 -5.41
CA GLY B 274 -1.25 12.57 -6.81
C GLY B 274 -0.57 13.80 -7.39
N LYS B 275 -0.53 14.87 -6.60
CA LYS B 275 0.04 16.13 -7.07
C LYS B 275 1.55 16.15 -6.84
N LEU B 276 2.23 17.16 -7.40
CA LEU B 276 3.66 17.30 -7.27
C LEU B 276 4.04 18.27 -6.17
N TYR B 277 5.23 18.10 -5.63
CA TYR B 277 5.65 18.81 -4.43
C TYR B 277 7.14 19.08 -4.57
N ARG B 278 7.49 20.35 -4.71
CA ARG B 278 8.88 20.79 -4.70
C ARG B 278 9.21 21.26 -3.30
N ASN B 279 10.31 20.75 -2.78
CA ASN B 279 10.80 21.16 -1.47
C ASN B 279 12.29 21.51 -1.63
N ASP B 280 12.58 22.81 -1.64
CA ASP B 280 13.88 23.33 -2.06
C ASP B 280 14.70 23.92 -0.92
N ARG B 281 16.01 23.85 -1.06
CA ARG B 281 16.95 24.58 -0.22
C ARG B 281 16.69 26.09 -0.36
N PRO B 282 16.56 26.81 0.77
CA PRO B 282 16.36 28.27 0.71
C PRO B 282 17.63 29.02 0.32
N SER B 283 17.51 30.22 -0.27
CA SER B 283 18.69 31.03 -0.59
C SER B 283 19.36 31.59 0.67
N GLN B 284 18.57 31.81 1.72
CA GLN B 284 19.09 32.24 3.02
C GLN B 284 18.66 31.25 4.10
N LYS B 285 19.48 31.09 5.13
CA LYS B 285 19.17 30.19 6.25
C LYS B 285 17.79 30.47 6.82
N GLY B 286 17.08 29.42 7.22
CA GLY B 286 15.75 29.57 7.83
C GLY B 286 14.86 28.35 7.68
N TYR B 287 14.22 28.22 6.52
CA TYR B 287 13.20 27.19 6.29
C TYR B 287 13.22 26.65 4.87
N ARG B 288 12.76 25.40 4.71
CA ARG B 288 12.61 24.82 3.38
C ARG B 288 11.60 25.65 2.60
N MET B 289 11.81 25.75 1.30
CA MET B 289 10.90 26.45 0.40
C MET B 289 10.11 25.44 -0.38
N VAL B 290 8.79 25.50 -0.22
CA VAL B 290 7.88 24.49 -0.73
C VAL B 290 6.87 25.11 -1.71
N ALA B 291 6.57 24.37 -2.77
CA ALA B 291 5.53 24.71 -3.72
C ALA B 291 4.89 23.43 -4.21
N ARG B 292 3.62 23.53 -4.58
CA ARG B 292 2.86 22.38 -5.04
C ARG B 292 2.28 22.68 -6.41
N GLY B 293 2.04 21.62 -7.18
CA GLY B 293 1.56 21.79 -8.55
C GLY B 293 1.37 20.47 -9.24
N THR B 294 1.32 20.53 -10.56
CA THR B 294 1.15 19.37 -11.41
C THR B 294 2.08 19.62 -12.61
N LEU B 295 2.04 18.73 -13.60
CA LEU B 295 2.80 18.96 -14.84
C LEU B 295 2.29 20.14 -15.65
N GLU B 296 1.14 20.69 -15.27
CA GLU B 296 0.58 21.87 -15.95
CA GLU B 296 0.57 21.87 -15.94
C GLU B 296 1.06 23.18 -15.35
N GLY B 297 1.63 23.12 -14.14
CA GLY B 297 2.17 24.32 -13.50
C GLY B 297 2.20 24.23 -11.98
N PHE B 298 2.96 25.12 -11.35
CA PHE B 298 3.08 25.16 -9.89
C PHE B 298 2.57 26.49 -9.35
N GLY B 299 2.16 26.47 -8.08
CA GLY B 299 1.90 27.71 -7.34
C GLY B 299 3.22 28.27 -6.82
N ALA B 300 3.16 29.36 -6.06
CA ALA B 300 4.37 30.00 -5.56
C ALA B 300 5.08 29.21 -4.47
N PHE B 301 6.39 29.41 -4.36
CA PHE B 301 7.18 28.86 -3.26
C PHE B 301 7.01 29.77 -2.05
N ALA B 302 6.86 29.15 -0.88
CA ALA B 302 6.76 29.85 0.39
C ALA B 302 7.53 29.05 1.44
N PRO B 303 8.11 29.75 2.45
CA PRO B 303 8.84 28.97 3.47
C PRO B 303 7.86 28.07 4.21
N ASP B 304 8.32 26.89 4.60
CA ASP B 304 7.52 25.97 5.39
C ASP B 304 7.98 26.07 6.83
N ALA B 305 7.16 26.70 7.67
CA ALA B 305 7.53 26.96 9.05
C ALA B 305 7.78 25.69 9.88
N GLY B 306 7.29 24.54 9.39
CA GLY B 306 7.47 23.27 10.09
C GLY B 306 8.80 22.60 9.81
N LEU B 307 9.51 23.11 8.81
CA LEU B 307 10.76 22.50 8.37
C LEU B 307 11.95 23.49 8.38
N PRO B 308 12.51 23.76 9.57
CA PRO B 308 13.71 24.61 9.62
C PRO B 308 14.87 23.99 8.82
N ASP B 309 15.70 24.85 8.25
CA ASP B 309 16.81 24.43 7.38
C ASP B 309 17.91 25.48 7.45
N PRO B 310 19.19 25.06 7.47
CA PRO B 310 20.29 26.02 7.61
C PRO B 310 20.86 26.46 6.25
N ALA B 311 20.02 26.44 5.21
CA ALA B 311 20.45 26.61 3.82
C ALA B 311 21.39 25.47 3.42
N CYS B 312 20.78 24.29 3.28
CA CYS B 312 21.50 23.08 2.91
C CYS B 312 20.53 22.20 2.10
N GLN B 313 21.09 21.27 1.33
CA GLN B 313 20.27 20.34 0.58
C GLN B 313 19.50 19.42 1.54
N GLY B 314 18.35 18.93 1.07
CA GLY B 314 17.55 17.94 1.79
C GLY B 314 17.14 16.84 0.83
N SER B 315 16.42 15.84 1.34
CA SER B 315 15.90 14.75 0.52
C SER B 315 14.47 14.40 0.94
N VAL B 316 13.72 13.83 0.02
CA VAL B 316 12.32 13.50 0.24
C VAL B 316 12.06 12.19 -0.48
N LEU B 317 11.16 11.38 0.08
CA LEU B 317 10.90 10.06 -0.45
C LEU B 317 9.42 9.70 -0.36
N ARG B 318 8.84 9.24 -1.46
CA ARG B 318 7.51 8.66 -1.44
C ARG B 318 7.68 7.21 -0.95
N TYR B 319 7.20 6.94 0.26
CA TYR B 319 7.41 5.63 0.85
C TYR B 319 6.37 4.61 0.39
N ASN B 320 5.10 4.99 0.45
CA ASN B 320 3.98 4.09 0.12
C ASN B 320 2.71 4.90 -0.13
N SER B 321 1.73 4.26 -0.78
CA SER B 321 0.45 4.90 -1.11
C SER B 321 -0.76 4.21 -0.44
N ASP B 322 -0.63 2.93 -0.09
CA ASP B 322 -1.66 2.22 0.68
CA ASP B 322 -1.66 2.23 0.66
C ASP B 322 -1.78 2.85 2.05
N ALA B 323 -2.96 2.79 2.64
CA ALA B 323 -3.19 3.36 3.96
C ALA B 323 -2.24 2.71 4.98
N PRO B 324 -1.53 3.54 5.77
CA PRO B 324 -1.53 4.99 5.62
C PRO B 324 -0.41 5.45 4.67
N ALA B 325 -0.73 6.30 3.71
CA ALA B 325 0.28 6.82 2.79
C ALA B 325 1.30 7.65 3.55
N ARG B 326 2.57 7.49 3.22
CA ARG B 326 3.67 8.20 3.90
C ARG B 326 4.62 8.87 2.92
N THR B 327 4.97 10.12 3.24
CA THR B 327 6.10 10.80 2.62
C THR B 327 7.17 10.95 3.69
N ILE B 328 8.43 10.66 3.34
CA ILE B 328 9.54 10.82 4.28
C ILE B 328 10.33 12.05 3.89
N PHE B 329 10.83 12.77 4.90
CA PHE B 329 11.70 13.94 4.65
C PHE B 329 12.92 13.89 5.56
N LEU B 330 14.05 14.33 5.01
CA LEU B 330 15.32 14.30 5.75
C LEU B 330 16.08 15.58 5.47
N ASN B 331 16.50 16.24 6.53
CA ASN B 331 17.36 17.42 6.42
C ASN B 331 17.97 17.70 7.77
N SER B 332 18.76 18.75 7.88
CA SER B 332 19.19 19.21 9.19
C SER B 332 18.14 20.18 9.74
N ALA B 333 17.45 19.75 10.79
CA ALA B 333 16.31 20.48 11.34
C ALA B 333 16.77 21.61 12.27
N SER B 334 17.38 22.62 11.65
CA SER B 334 17.98 23.75 12.36
C SER B 334 18.03 24.94 11.42
N GLY B 335 17.85 26.13 11.95
CA GLY B 335 18.04 27.34 11.16
C GLY B 335 19.51 27.70 11.00
N THR B 336 20.38 27.03 11.75
CA THR B 336 21.79 27.47 11.79
C THR B 336 22.83 26.39 11.53
N SER B 337 22.53 25.15 11.90
CA SER B 337 23.56 24.11 11.83
C SER B 337 23.18 22.97 10.88
N ARG B 338 24.18 22.34 10.26
CA ARG B 338 23.98 21.14 9.44
C ARG B 338 24.04 19.87 10.28
N ARG B 339 24.32 20.03 11.58
CA ARG B 339 24.52 18.88 12.46
C ARG B 339 23.27 18.50 13.25
N ALA B 340 22.09 18.69 12.65
CA ALA B 340 20.84 18.39 13.32
C ALA B 340 19.95 17.49 12.47
N MET B 341 20.57 16.47 11.85
CA MET B 341 19.85 15.62 10.90
C MET B 341 18.63 14.99 11.53
N ARG B 342 17.49 15.10 10.85
CA ARG B 342 16.22 14.63 11.38
C ARG B 342 15.41 14.02 10.25
N VAL B 343 15.02 12.76 10.44
CA VAL B 343 14.11 12.09 9.51
C VAL B 343 12.67 12.18 10.04
N ARG B 344 11.73 12.47 9.13
CA ARG B 344 10.33 12.71 9.51
C ARG B 344 9.37 12.04 8.55
N ILE B 345 8.13 11.85 9.01
CA ILE B 345 7.05 11.25 8.22
C ILE B 345 5.89 12.25 8.14
N SER B 346 5.32 12.40 6.94
CA SER B 346 4.03 13.07 6.79
C SER B 346 2.98 12.08 6.29
N TYR B 347 1.81 12.09 6.95
CA TYR B 347 0.65 11.32 6.48
C TYR B 347 -0.33 12.18 5.67
N ASP B 348 0.01 13.45 5.47
CA ASP B 348 -0.92 14.37 4.77
C ASP B 348 -0.96 14.11 3.27
N ALA B 349 -2.15 14.29 2.69
CA ALA B 349 -2.35 14.03 1.27
C ALA B 349 -1.52 14.98 0.42
N ASP B 350 -1.21 16.14 1.00
CA ASP B 350 -0.41 17.17 0.35
C ASP B 350 0.93 17.40 1.08
N ALA B 351 1.30 16.45 1.93
CA ALA B 351 2.48 16.56 2.82
C ALA B 351 2.57 17.89 3.56
N LYS B 352 1.43 18.40 4.02
CA LYS B 352 1.37 19.69 4.72
C LYS B 352 2.25 19.71 5.98
N LYS B 353 2.13 18.67 6.80
CA LYS B 353 2.79 18.65 8.09
C LYS B 353 3.57 17.35 8.26
N PHE B 354 4.79 17.49 8.77
CA PHE B 354 5.62 16.34 9.10
C PHE B 354 5.70 16.23 10.61
N ASN B 355 5.81 15.00 11.11
CA ASN B 355 6.00 14.82 12.55
C ASN B 355 7.38 15.28 13.01
N TYR B 356 7.62 15.23 14.32
CA TYR B 356 8.94 15.48 14.89
C TYR B 356 9.95 14.52 14.26
N GLY B 357 9.58 13.26 14.11
CA GLY B 357 10.44 12.26 13.48
C GLY B 357 11.49 11.78 14.46
N ARG B 358 12.72 11.58 13.99
CA ARG B 358 13.80 11.15 14.87
C ARG B 358 15.13 11.77 14.47
N LYS B 359 15.93 12.14 15.47
CA LYS B 359 17.28 12.64 15.23
C LYS B 359 18.16 11.46 14.87
N LEU B 360 18.95 11.60 13.81
CA LEU B 360 19.89 10.53 13.43
C LEU B 360 20.96 10.28 14.50
N GLU B 361 21.25 11.30 15.32
CA GLU B 361 22.19 11.17 16.42
C GLU B 361 21.73 10.14 17.46
N ASP B 362 20.44 9.78 17.44
CA ASP B 362 19.94 8.71 18.32
C ASP B 362 20.61 7.37 18.00
N ALA B 363 21.15 7.25 16.80
CA ALA B 363 21.94 6.09 16.41
C ALA B 363 23.27 6.58 15.81
N LYS B 364 24.06 7.26 16.66
CA LYS B 364 25.31 7.90 16.24
CA LYS B 364 25.32 7.89 16.26
C LYS B 364 26.28 6.90 15.61
N VAL B 365 26.98 7.35 14.58
CA VAL B 365 28.09 6.62 14.00
C VAL B 365 29.34 7.20 14.65
N SER B 366 30.29 6.35 15.03
CA SER B 366 31.55 6.81 15.61
CA SER B 366 31.56 6.80 15.62
C SER B 366 32.71 6.68 14.63
N GLY B 367 33.64 7.62 14.71
CA GLY B 367 34.85 7.58 13.89
C GLY B 367 34.68 8.05 12.46
N ALA B 368 33.58 8.76 12.19
CA ALA B 368 33.32 9.22 10.84
C ALA B 368 33.08 10.74 10.79
N GLY B 369 33.55 11.43 11.82
CA GLY B 369 33.38 12.88 11.91
C GLY B 369 32.01 13.28 12.41
N HIS B 370 31.67 14.56 12.27
CA HIS B 370 30.38 15.09 12.69
C HIS B 370 29.37 14.86 11.57
N GLU B 371 28.39 14.00 11.81
CA GLU B 371 27.36 13.73 10.79
C GLU B 371 26.47 14.95 10.58
N GLY B 372 26.16 15.23 9.32
CA GLY B 372 25.26 16.30 8.99
C GLY B 372 25.63 16.96 7.68
N GLY B 373 24.62 17.22 6.85
CA GLY B 373 24.82 17.87 5.56
C GLY B 373 23.85 17.32 4.55
N TYR B 374 24.31 17.17 3.31
CA TYR B 374 23.47 16.68 2.22
C TYR B 374 23.07 15.23 2.47
N SER B 375 21.92 14.83 1.94
CA SER B 375 21.41 13.49 2.18
C SER B 375 20.62 12.97 0.99
N SER B 376 20.35 11.66 0.99
CA SER B 376 19.56 11.05 -0.09
C SER B 376 18.90 9.81 0.48
N MET B 377 17.65 9.54 0.10
CA MET B 377 16.93 8.37 0.60
C MET B 377 16.37 7.48 -0.49
N THR B 378 16.29 6.20 -0.18
CA THR B 378 15.56 5.26 -1.00
C THR B 378 14.82 4.28 -0.11
N LYS B 379 13.83 3.59 -0.68
CA LYS B 379 13.20 2.47 0.01
C LYS B 379 13.95 1.22 -0.41
N THR B 380 14.31 0.38 0.56
CA THR B 380 15.06 -0.82 0.23
C THR B 380 14.10 -1.97 -0.09
N GLY B 381 14.65 -3.01 -0.72
CA GLY B 381 13.92 -4.23 -1.02
C GLY B 381 13.35 -4.94 0.19
N ASP B 382 14.00 -4.77 1.36
CA ASP B 382 13.47 -5.32 2.62
C ASP B 382 12.73 -4.27 3.45
N TYR B 383 12.14 -3.29 2.77
CA TYR B 383 11.22 -2.36 3.39
C TYR B 383 11.85 -1.61 4.56
N LYS B 384 13.06 -1.10 4.33
CA LYS B 384 13.66 -0.12 5.23
C LYS B 384 13.81 1.18 4.45
N ILE B 385 14.05 2.26 5.15
CA ILE B 385 14.52 3.50 4.54
C ILE B 385 16.04 3.38 4.53
N GLY B 386 16.62 3.57 3.35
CA GLY B 386 18.08 3.65 3.23
C GLY B 386 18.47 5.09 2.96
N ALA B 387 19.37 5.63 3.77
CA ALA B 387 19.79 7.03 3.66
C ALA B 387 21.30 7.18 3.59
N LEU B 388 21.76 7.99 2.64
CA LEU B 388 23.16 8.45 2.65
C LEU B 388 23.18 9.83 3.30
N VAL B 389 24.14 10.05 4.20
CA VAL B 389 24.25 11.35 4.90
C VAL B 389 25.72 11.80 4.94
N GLU B 390 25.98 13.04 4.53
CA GLU B 390 27.30 13.61 4.65
C GLU B 390 27.77 13.71 6.10
N SER B 391 29.09 13.63 6.27
CA SER B 391 29.72 13.86 7.56
CA SER B 391 29.71 13.89 7.56
C SER B 391 31.00 14.67 7.34
N ASP B 392 31.42 15.42 8.35
CA ASP B 392 32.52 16.38 8.25
C ASP B 392 33.47 16.20 9.43
N PHE B 393 34.73 15.85 9.16
CA PHE B 393 35.72 15.71 10.23
C PHE B 393 36.10 17.03 10.88
N PHE B 394 35.94 18.12 10.14
CA PHE B 394 36.10 19.49 10.64
C PHE B 394 37.52 19.76 11.18
N ASN B 395 38.51 19.04 10.65
CA ASN B 395 39.89 19.14 11.10
C ASN B 395 40.59 20.42 10.65
N ASP B 396 39.96 21.10 9.70
CA ASP B 396 40.42 22.38 9.19
C ASP B 396 39.29 23.42 9.33
N GLY B 397 38.36 23.18 10.24
CA GLY B 397 37.18 24.03 10.40
C GLY B 397 36.40 24.11 9.09
N THR B 398 36.02 25.32 8.70
CA THR B 398 35.33 25.54 7.42
C THR B 398 36.28 25.48 6.21
N GLY B 399 37.57 25.32 6.47
CA GLY B 399 38.59 25.32 5.43
C GLY B 399 38.60 24.09 4.53
N LYS B 400 39.35 24.21 3.43
CA LYS B 400 39.40 23.20 2.37
C LYS B 400 39.95 21.83 2.77
N ASN B 401 40.68 21.74 3.87
CA ASN B 401 41.29 20.46 4.23
C ASN B 401 40.47 19.60 5.20
N SER B 402 39.26 20.06 5.51
CA SER B 402 38.38 19.29 6.38
C SER B 402 37.82 18.10 5.61
N TYR B 403 38.22 16.90 6.02
CA TYR B 403 37.83 15.67 5.32
C TYR B 403 36.35 15.40 5.43
N ARG B 404 35.75 15.02 4.30
CA ARG B 404 34.31 14.74 4.24
C ARG B 404 34.05 13.29 3.85
N ALA B 405 33.20 12.63 4.62
CA ALA B 405 32.86 11.23 4.39
C ALA B 405 31.36 11.09 4.23
N ILE B 406 30.89 9.92 3.78
CA ILE B 406 29.44 9.69 3.66
C ILE B 406 29.02 8.42 4.39
N ILE B 407 28.00 8.58 5.22
CA ILE B 407 27.43 7.52 6.05
CA ILE B 407 27.43 7.52 6.05
C ILE B 407 26.22 6.90 5.35
N TRP B 408 26.07 5.58 5.47
CA TRP B 408 24.89 4.86 4.99
C TRP B 408 24.10 4.39 6.22
N ARG B 409 22.79 4.61 6.17
CA ARG B 409 21.89 4.22 7.25
C ARG B 409 20.75 3.42 6.68
N ARG B 410 20.30 2.43 7.45
CA ARG B 410 19.06 1.72 7.17
C ARG B 410 18.25 1.75 8.46
N PHE B 411 16.96 2.05 8.36
CA PHE B 411 16.07 2.04 9.51
C PHE B 411 14.65 1.73 9.06
N ASN B 412 13.92 0.98 9.87
CA ASN B 412 12.50 0.79 9.61
C ASN B 412 11.64 1.96 10.12
N LEU B 413 10.37 1.98 9.69
CA LEU B 413 9.47 3.01 10.17
C LEU B 413 9.37 3.00 11.68
N SER B 414 9.36 1.81 12.28
CA SER B 414 9.28 1.65 13.72
C SER B 414 10.37 2.44 14.45
N TRP B 415 11.59 2.40 13.92
CA TRP B 415 12.69 3.17 14.52
C TRP B 415 12.37 4.67 14.57
N ILE B 416 11.79 5.20 13.50
CA ILE B 416 11.39 6.62 13.45
C ILE B 416 10.27 6.89 14.45
N LEU B 417 9.26 6.03 14.40
CA LEU B 417 8.02 6.23 15.15
C LEU B 417 8.19 6.04 16.66
N ASN B 418 9.13 5.17 17.04
CA ASN B 418 9.36 4.90 18.45
C ASN B 418 10.44 5.81 19.07
N GLY B 419 10.86 6.81 18.30
CA GLY B 419 11.76 7.83 18.83
C GLY B 419 11.03 8.73 19.81
N PRO B 420 11.77 9.42 20.70
CA PRO B 420 11.09 10.31 21.66
C PRO B 420 10.42 11.48 20.93
N ASN B 421 9.29 11.98 21.47
CA ASN B 421 8.55 13.12 20.88
C ASN B 421 7.45 12.82 19.87
N ASN B 422 7.18 11.54 19.62
CA ASN B 422 6.19 11.17 18.60
C ASN B 422 4.90 10.62 19.20
#